data_2N1A
#
_entry.id   2N1A
#
_cell.length_a   1.000
_cell.length_b   1.000
_cell.length_c   1.000
_cell.angle_alpha   90.00
_cell.angle_beta   90.00
_cell.angle_gamma   90.00
#
_symmetry.space_group_name_H-M   'P 1'
#
loop_
_entity.id
_entity.type
_entity.pdbx_description
1 polymer 'Small ubiquitin-related modifier 1'
2 polymer 'CREB-binding protein'
3 non-polymer 'ZINC ION'
#
loop_
_entity_poly.entity_id
_entity_poly.type
_entity_poly.pdbx_seq_one_letter_code
_entity_poly.pdbx_strand_id
1 'polypeptide(L)'
;GSMSDQEAKPSTEDLGDKKEGEYIKLKVIGQDSSEIHFKVKMTTHLKKLKESYCQRQGVPMNSLRFLFEGQRIADNHTPK
ELGMEEEDVIEVYQEQTGGHSTV
;
A
2 'polypeptide(L)' GQDRFVYTCNECKHHVETRWHCTVCEDYDLCINCYNTKSHAHKMVKWGLGLDD B
#
loop_
_chem_comp.id
_chem_comp.type
_chem_comp.name
_chem_comp.formula
ZN non-polymer 'ZINC ION' 'Zn 2'
#
# COMPACT_ATOMS: atom_id res chain seq x y z
N GLY A 1 25.72 24.18 0.43
CA GLY A 1 24.81 25.09 1.17
C GLY A 1 23.67 25.52 0.26
N SER A 2 23.98 25.75 -1.02
CA SER A 2 22.98 26.17 -1.98
C SER A 2 22.04 25.00 -2.31
N MET A 3 20.87 25.33 -2.85
CA MET A 3 19.89 24.31 -3.21
C MET A 3 20.44 23.40 -4.31
N SER A 4 21.14 24.00 -5.26
CA SER A 4 21.72 23.26 -6.38
C SER A 4 23.09 23.82 -6.74
N ASP A 5 23.96 22.94 -7.23
CA ASP A 5 25.30 23.33 -7.62
C ASP A 5 25.23 24.35 -8.74
N GLN A 6 24.31 24.17 -9.67
CA GLN A 6 24.20 25.09 -10.79
C GLN A 6 23.93 26.50 -10.32
N GLU A 7 22.97 26.67 -9.40
CA GLU A 7 22.62 27.98 -8.86
C GLU A 7 21.34 27.90 -8.03
N ALA A 8 20.21 27.71 -8.70
CA ALA A 8 18.92 27.63 -8.02
C ALA A 8 17.95 26.74 -8.78
N LYS A 9 17.02 26.14 -8.05
CA LYS A 9 16.04 25.26 -8.68
C LYS A 9 14.91 26.08 -9.31
N PRO A 10 14.34 25.59 -10.40
CA PRO A 10 13.22 26.29 -11.09
C PRO A 10 11.96 26.37 -10.23
N SER A 11 11.82 25.43 -9.31
CA SER A 11 10.65 25.38 -8.44
C SER A 11 9.36 25.21 -9.26
N THR A 12 9.42 25.56 -10.54
CA THR A 12 8.26 25.43 -11.42
C THR A 12 7.86 23.97 -11.56
N GLU A 13 8.86 23.11 -11.76
CA GLU A 13 8.58 21.69 -11.91
C GLU A 13 7.96 21.11 -10.65
N ASP A 14 8.50 21.52 -9.50
CA ASP A 14 7.98 21.05 -8.22
C ASP A 14 6.92 22.00 -7.68
N LEU A 15 5.66 21.60 -7.79
CA LEU A 15 4.57 22.42 -7.30
C LEU A 15 3.89 21.77 -6.09
N GLY A 16 3.77 22.52 -5.01
CA GLY A 16 3.14 22.01 -3.80
C GLY A 16 4.11 21.14 -3.01
N ASP A 17 3.65 20.64 -1.87
CA ASP A 17 4.49 19.78 -1.03
C ASP A 17 3.64 18.70 -0.38
N LYS A 18 3.67 17.50 -0.93
CA LYS A 18 2.92 16.38 -0.37
C LYS A 18 3.81 15.15 -0.20
N LYS A 19 3.58 14.40 0.87
CA LYS A 19 4.36 13.20 1.12
C LYS A 19 4.17 12.19 0.00
N GLU A 20 2.92 11.98 -0.41
CA GLU A 20 2.62 11.02 -1.47
C GLU A 20 3.32 9.70 -1.21
N GLY A 21 3.54 9.39 0.06
CA GLY A 21 4.19 8.13 0.44
C GLY A 21 3.27 7.27 1.29
N GLU A 22 2.92 7.77 2.47
CA GLU A 22 2.05 7.02 3.37
C GLU A 22 0.69 6.80 2.72
N TYR A 23 0.18 7.82 2.05
CA TYR A 23 -1.13 7.73 1.39
C TYR A 23 -0.97 7.33 -0.06
N ILE A 24 -2.00 6.72 -0.66
CA ILE A 24 -1.93 6.27 -2.03
C ILE A 24 -3.19 6.70 -2.77
N LYS A 25 -3.19 6.58 -4.08
CA LYS A 25 -4.37 6.96 -4.85
C LYS A 25 -5.13 5.72 -5.28
N LEU A 26 -6.16 5.34 -4.50
CA LEU A 26 -6.98 4.19 -4.83
C LEU A 26 -8.38 4.63 -5.22
N LYS A 27 -8.81 4.18 -6.39
CA LYS A 27 -10.11 4.52 -6.93
C LYS A 27 -10.78 3.35 -7.63
N VAL A 28 -12.07 3.51 -7.91
CA VAL A 28 -12.83 2.46 -8.59
C VAL A 28 -13.68 3.05 -9.71
N ILE A 29 -13.94 2.23 -10.72
CA ILE A 29 -14.76 2.66 -11.84
C ILE A 29 -15.59 1.50 -12.41
N GLY A 30 -16.80 1.32 -11.92
CA GLY A 30 -17.65 0.26 -12.40
C GLY A 30 -18.12 0.56 -13.82
N GLN A 31 -18.61 -0.48 -14.48
CA GLN A 31 -19.09 -0.35 -15.85
C GLN A 31 -20.28 0.59 -15.90
N ASP A 32 -21.13 0.53 -14.88
CA ASP A 32 -22.33 1.36 -14.88
C ASP A 32 -22.00 2.83 -15.13
N SER A 33 -21.07 3.38 -14.34
CA SER A 33 -20.64 4.78 -14.49
C SER A 33 -20.23 5.38 -13.14
N SER A 34 -19.20 4.81 -12.53
CA SER A 34 -18.73 5.31 -11.24
C SER A 34 -17.36 5.96 -11.40
N GLU A 35 -17.17 7.10 -10.74
CA GLU A 35 -15.90 7.80 -10.80
C GLU A 35 -15.56 8.38 -9.43
N ILE A 36 -14.64 7.74 -8.73
CA ILE A 36 -14.24 8.22 -7.40
C ILE A 36 -12.73 8.47 -7.36
N HIS A 37 -12.33 9.65 -6.91
CA HIS A 37 -10.92 9.97 -6.83
C HIS A 37 -10.54 10.46 -5.44
N PHE A 38 -9.88 9.62 -4.65
CA PHE A 38 -9.47 10.01 -3.31
C PHE A 38 -8.29 9.15 -2.87
N LYS A 39 -7.58 9.60 -1.85
CA LYS A 39 -6.44 8.87 -1.33
C LYS A 39 -6.69 8.27 0.06
N VAL A 40 -6.21 7.04 0.25
CA VAL A 40 -6.39 6.33 1.51
C VAL A 40 -5.04 5.82 2.02
N LYS A 41 -4.89 5.84 3.34
CA LYS A 41 -3.66 5.39 3.97
C LYS A 41 -3.41 3.92 3.73
N MET A 42 -2.15 3.57 3.50
CA MET A 42 -1.79 2.18 3.25
C MET A 42 -1.14 1.57 4.49
N THR A 43 -1.96 1.13 5.43
CA THR A 43 -1.46 0.52 6.66
C THR A 43 -2.44 -0.52 7.19
N THR A 44 -3.51 -0.71 6.45
CA THR A 44 -4.52 -1.70 6.85
C THR A 44 -5.12 -2.42 5.65
N HIS A 45 -5.56 -3.66 5.87
CA HIS A 45 -6.16 -4.46 4.80
C HIS A 45 -6.98 -3.57 3.88
N LEU A 46 -6.85 -3.79 2.59
CA LEU A 46 -7.57 -2.98 1.61
C LEU A 46 -9.05 -2.89 1.97
N LYS A 47 -9.45 -3.70 2.95
CA LYS A 47 -10.84 -3.76 3.38
C LYS A 47 -11.29 -2.41 3.91
N LYS A 48 -10.43 -1.77 4.67
CA LYS A 48 -10.74 -0.49 5.25
C LYS A 48 -10.88 0.56 4.17
N LEU A 49 -10.94 0.11 2.93
CA LEU A 49 -11.12 1.03 1.83
C LEU A 49 -12.41 0.74 1.10
N LYS A 50 -12.52 -0.46 0.55
CA LYS A 50 -13.72 -0.84 -0.18
C LYS A 50 -14.90 -1.00 0.76
N GLU A 51 -14.62 -1.24 2.02
CA GLU A 51 -15.68 -1.42 3.00
C GLU A 51 -16.52 -0.15 3.12
N SER A 52 -15.85 0.99 3.11
CA SER A 52 -16.57 2.27 3.18
C SER A 52 -17.35 2.51 1.91
N TYR A 53 -16.69 2.29 0.78
CA TYR A 53 -17.32 2.46 -0.52
C TYR A 53 -18.46 1.47 -0.69
N CYS A 54 -18.18 0.22 -0.35
CA CYS A 54 -19.16 -0.85 -0.51
C CYS A 54 -20.37 -0.66 0.40
N GLN A 55 -20.13 -0.33 1.66
CA GLN A 55 -21.22 -0.14 2.61
C GLN A 55 -22.04 1.10 2.27
N ARG A 56 -21.36 2.16 1.86
CA ARG A 56 -22.05 3.41 1.57
C ARG A 56 -22.78 3.28 0.22
N GLN A 57 -22.54 2.18 -0.48
CA GLN A 57 -23.20 1.94 -1.79
C GLN A 57 -23.82 0.56 -1.83
N GLY A 58 -22.98 -0.46 -1.88
CA GLY A 58 -23.46 -1.83 -1.93
C GLY A 58 -22.37 -2.82 -1.52
N VAL A 59 -22.77 -4.02 -1.14
CA VAL A 59 -21.78 -5.01 -0.73
C VAL A 59 -21.39 -5.88 -1.92
N PRO A 60 -20.12 -6.19 -2.09
CA PRO A 60 -19.64 -7.07 -3.21
C PRO A 60 -20.14 -8.50 -3.09
N MET A 61 -20.60 -8.84 -1.92
CA MET A 61 -21.09 -10.19 -1.70
C MET A 61 -22.39 -10.44 -2.46
N ASN A 62 -22.34 -10.31 -3.78
CA ASN A 62 -23.51 -10.55 -4.61
C ASN A 62 -23.18 -10.25 -6.08
N SER A 63 -23.32 -8.98 -6.46
CA SER A 63 -23.05 -8.55 -7.83
C SER A 63 -21.70 -7.84 -7.94
N LEU A 64 -21.51 -6.82 -7.11
CA LEU A 64 -20.28 -6.05 -7.13
C LEU A 64 -19.08 -6.93 -6.81
N ARG A 65 -18.00 -6.68 -7.53
CA ARG A 65 -16.77 -7.44 -7.38
C ARG A 65 -15.54 -6.54 -7.40
N PHE A 66 -14.54 -6.90 -6.61
CA PHE A 66 -13.30 -6.14 -6.55
C PHE A 66 -12.15 -6.95 -7.14
N LEU A 67 -11.61 -6.51 -8.28
CA LEU A 67 -10.50 -7.23 -8.88
C LEU A 67 -9.24 -6.41 -8.70
N PHE A 68 -8.35 -6.87 -7.83
CA PHE A 68 -7.12 -6.14 -7.53
C PHE A 68 -6.25 -6.06 -8.77
N GLU A 69 -6.13 -7.18 -9.50
CA GLU A 69 -5.32 -7.21 -10.70
C GLU A 69 -5.99 -8.08 -11.78
N GLY A 70 -5.84 -9.39 -11.65
CA GLY A 70 -6.42 -10.33 -12.60
C GLY A 70 -7.00 -11.54 -11.86
N GLN A 71 -7.53 -11.31 -10.66
CA GLN A 71 -8.10 -12.39 -9.87
C GLN A 71 -8.90 -11.83 -8.69
N ARG A 72 -9.27 -12.70 -7.77
CA ARG A 72 -10.03 -12.28 -6.60
C ARG A 72 -9.21 -12.52 -5.33
N ILE A 73 -9.27 -11.58 -4.40
CA ILE A 73 -8.53 -11.67 -3.15
C ILE A 73 -9.45 -11.48 -1.94
N ALA A 74 -9.03 -12.02 -0.80
CA ALA A 74 -9.81 -11.89 0.43
C ALA A 74 -9.61 -10.51 1.05
N ASP A 75 -10.54 -10.12 1.90
CA ASP A 75 -10.49 -8.82 2.57
C ASP A 75 -9.96 -8.94 4.00
N ASN A 76 -9.31 -10.07 4.29
CA ASN A 76 -8.77 -10.32 5.63
C ASN A 76 -7.24 -10.36 5.63
N HIS A 77 -6.66 -9.82 4.56
CA HIS A 77 -5.20 -9.81 4.44
C HIS A 77 -4.72 -8.49 3.86
N THR A 78 -3.47 -8.15 4.16
CA THR A 78 -2.85 -6.93 3.68
C THR A 78 -1.49 -7.22 3.04
N PRO A 79 -0.69 -8.08 3.62
CA PRO A 79 0.67 -8.43 3.11
C PRO A 79 0.63 -9.55 2.09
N LYS A 80 -0.57 -10.00 1.75
CA LYS A 80 -0.70 -11.06 0.76
C LYS A 80 -0.16 -10.62 -0.60
N GLU A 81 -0.57 -9.44 -1.03
CA GLU A 81 -0.14 -8.89 -2.31
C GLU A 81 -0.02 -7.37 -2.28
N LEU A 82 -1.18 -6.73 -2.10
CA LEU A 82 -1.29 -5.26 -2.05
C LEU A 82 0.08 -4.66 -2.36
N GLY A 83 0.73 -4.01 -1.38
CA GLY A 83 2.07 -3.47 -1.61
C GLY A 83 2.05 -2.39 -2.69
N MET A 84 1.02 -1.56 -2.67
CA MET A 84 0.90 -0.51 -3.66
C MET A 84 1.75 0.70 -3.28
N GLU A 85 2.16 1.46 -4.28
CA GLU A 85 2.98 2.64 -4.03
C GLU A 85 2.14 3.91 -4.00
N GLU A 86 1.35 4.12 -5.05
CA GLU A 86 0.51 5.30 -5.13
C GLU A 86 -0.64 5.07 -6.10
N GLU A 87 -0.32 4.66 -7.32
CA GLU A 87 -1.34 4.45 -8.33
C GLU A 87 -1.98 3.07 -8.17
N ASP A 88 -2.97 3.00 -7.29
CA ASP A 88 -3.68 1.75 -7.05
C ASP A 88 -5.03 1.78 -7.75
N VAL A 89 -5.24 0.88 -8.70
CA VAL A 89 -6.50 0.84 -9.44
C VAL A 89 -7.20 -0.51 -9.29
N ILE A 90 -8.48 -0.46 -8.94
CA ILE A 90 -9.30 -1.67 -8.78
C ILE A 90 -10.51 -1.63 -9.70
N GLU A 91 -10.69 -2.69 -10.47
CA GLU A 91 -11.83 -2.79 -11.39
C GLU A 91 -12.98 -3.53 -10.73
N VAL A 92 -14.19 -3.08 -11.01
CA VAL A 92 -15.36 -3.72 -10.44
C VAL A 92 -16.42 -3.94 -11.51
N TYR A 93 -17.31 -4.91 -11.28
CA TYR A 93 -18.37 -5.19 -12.23
C TYR A 93 -19.73 -5.14 -11.53
N GLN A 94 -20.69 -4.48 -12.17
CA GLN A 94 -22.02 -4.37 -11.58
C GLN A 94 -23.06 -5.00 -12.49
N GLU A 95 -23.48 -6.21 -12.16
CA GLU A 95 -24.49 -6.91 -12.95
C GLU A 95 -25.83 -6.19 -12.87
N GLN A 96 -26.15 -5.67 -11.69
CA GLN A 96 -27.39 -4.96 -11.49
C GLN A 96 -27.20 -3.79 -10.54
N THR A 97 -28.08 -2.79 -10.66
CA THR A 97 -28.00 -1.61 -9.82
C THR A 97 -28.38 -1.95 -8.38
N GLY A 98 -29.17 -3.01 -8.22
CA GLY A 98 -29.61 -3.44 -6.91
C GLY A 98 -30.83 -2.62 -6.44
N GLY A 99 -31.32 -1.76 -7.32
CA GLY A 99 -32.48 -0.94 -6.99
C GLY A 99 -33.00 -0.25 -8.23
N HIS A 100 -34.11 0.49 -8.08
CA HIS A 100 -34.71 1.19 -9.21
C HIS A 100 -35.09 0.23 -10.33
N SER A 101 -34.08 -0.30 -11.02
CA SER A 101 -34.32 -1.24 -12.10
C SER A 101 -34.86 -2.55 -11.56
N THR A 102 -35.72 -3.19 -12.35
CA THR A 102 -36.32 -4.45 -11.94
C THR A 102 -35.25 -5.55 -11.88
N VAL A 103 -34.30 -5.50 -12.80
CA VAL A 103 -33.23 -6.48 -12.85
C VAL A 103 -31.94 -5.91 -12.28
N GLY B 1 24.16 -12.74 0.99
CA GLY B 1 23.65 -14.12 1.25
C GLY B 1 22.18 -14.05 1.67
N GLN B 2 21.57 -15.21 1.78
CA GLN B 2 20.14 -15.28 2.18
C GLN B 2 19.99 -16.32 3.28
N ASP B 3 19.24 -15.99 4.30
CA ASP B 3 19.03 -16.95 5.42
C ASP B 3 17.63 -16.79 6.00
N ARG B 4 17.47 -17.19 7.23
CA ARG B 4 16.11 -17.09 7.89
C ARG B 4 15.78 -15.61 8.17
N PHE B 5 14.87 -15.36 9.08
CA PHE B 5 14.50 -13.93 9.40
C PHE B 5 14.61 -13.69 10.91
N VAL B 6 15.22 -14.61 11.60
CA VAL B 6 15.29 -14.49 13.09
C VAL B 6 15.82 -13.12 13.49
N TYR B 7 14.91 -12.19 13.60
CA TYR B 7 15.27 -10.80 14.00
C TYR B 7 14.03 -10.06 14.50
N THR B 8 14.19 -8.79 14.79
CA THR B 8 13.04 -7.98 15.28
C THR B 8 13.05 -6.59 14.67
N CYS B 9 11.93 -5.91 14.81
CA CYS B 9 11.77 -4.53 14.25
C CYS B 9 11.48 -3.54 15.37
N ASN B 10 12.30 -2.53 15.44
CA ASN B 10 12.19 -1.51 16.53
C ASN B 10 11.21 -0.40 16.17
N GLU B 11 10.55 -0.52 15.05
CA GLU B 11 9.57 0.53 14.69
C GLU B 11 8.19 0.19 15.26
N CYS B 12 7.82 -1.08 15.27
CA CYS B 12 6.48 -1.46 15.83
C CYS B 12 6.64 -2.60 16.85
N LYS B 13 7.84 -3.12 16.96
CA LYS B 13 8.11 -4.25 17.93
C LYS B 13 7.28 -5.48 17.54
N HIS B 14 7.23 -5.77 16.27
CA HIS B 14 6.47 -6.98 15.80
C HIS B 14 7.21 -7.67 14.66
N HIS B 15 8.23 -8.42 14.97
CA HIS B 15 9.00 -9.05 13.86
C HIS B 15 8.06 -9.86 12.99
N VAL B 16 8.39 -9.93 11.74
CA VAL B 16 7.53 -10.69 10.78
C VAL B 16 8.41 -11.43 9.78
N GLU B 17 8.20 -12.72 9.68
CA GLU B 17 8.97 -13.63 8.75
C GLU B 17 9.82 -12.86 7.70
N THR B 18 10.60 -11.91 8.15
CA THR B 18 11.44 -11.11 7.21
C THR B 18 12.13 -9.98 7.99
N ARG B 19 13.35 -9.61 7.63
CA ARG B 19 13.98 -8.44 8.34
C ARG B 19 15.02 -7.79 7.43
N TRP B 20 14.86 -6.51 7.23
CA TRP B 20 15.82 -5.75 6.37
C TRP B 20 16.60 -4.76 7.25
N HIS B 21 17.90 -4.81 7.15
CA HIS B 21 18.76 -3.90 7.98
C HIS B 21 19.37 -2.83 7.09
N CYS B 22 18.93 -1.61 7.25
CA CYS B 22 19.45 -0.47 6.44
C CYS B 22 20.86 -0.12 6.92
N THR B 23 21.81 -0.01 6.01
CA THR B 23 23.20 0.34 6.44
C THR B 23 23.31 1.84 6.67
N VAL B 24 23.20 2.62 5.62
CA VAL B 24 23.37 4.09 5.75
C VAL B 24 22.93 4.60 7.13
N CYS B 25 21.76 4.20 7.55
CA CYS B 25 21.24 4.69 8.88
C CYS B 25 21.83 3.88 10.04
N GLU B 26 22.33 2.71 9.72
CA GLU B 26 22.98 1.83 10.75
C GLU B 26 22.07 1.61 11.97
N ASP B 27 22.23 0.46 12.57
CA ASP B 27 21.43 0.13 13.78
C ASP B 27 19.97 0.42 13.52
N TYR B 28 19.60 0.36 12.26
CA TYR B 28 18.19 0.64 11.89
C TYR B 28 17.61 -0.66 11.34
N ASP B 29 16.56 -1.14 11.94
CA ASP B 29 15.94 -2.42 11.46
C ASP B 29 14.46 -2.20 11.13
N LEU B 30 14.03 -2.78 10.02
CA LEU B 30 12.63 -2.59 9.57
C LEU B 30 11.97 -3.95 9.22
N CYS B 31 10.66 -4.02 9.45
CA CYS B 31 9.88 -5.28 9.13
C CYS B 31 9.12 -5.06 7.81
N ILE B 32 8.34 -6.04 7.42
CA ILE B 32 7.57 -5.94 6.14
C ILE B 32 6.49 -4.83 6.25
N ASN B 33 6.05 -4.57 7.46
CA ASN B 33 5.00 -3.53 7.67
C ASN B 33 5.58 -2.11 7.60
N CYS B 34 6.53 -1.82 8.45
CA CYS B 34 7.10 -0.45 8.50
C CYS B 34 7.74 -0.12 7.14
N TYR B 35 8.44 -1.08 6.60
CA TYR B 35 9.11 -0.88 5.28
C TYR B 35 8.09 -0.53 4.19
N ASN B 36 7.02 -1.26 4.13
CA ASN B 36 5.98 -0.98 3.10
C ASN B 36 5.29 0.35 3.37
N THR B 37 5.01 0.61 4.61
CA THR B 37 4.30 1.88 4.97
C THR B 37 5.24 3.08 4.91
N LYS B 38 6.37 2.98 5.56
CA LYS B 38 7.34 4.12 5.57
C LYS B 38 7.94 4.32 4.18
N SER B 39 8.28 3.24 3.51
CA SER B 39 8.90 3.35 2.16
C SER B 39 10.38 3.70 2.31
N HIS B 40 11.05 3.03 3.22
CA HIS B 40 12.49 3.31 3.47
C HIS B 40 13.36 2.40 2.61
N ALA B 41 13.86 2.89 1.51
CA ALA B 41 14.68 1.99 0.63
C ALA B 41 16.08 1.80 1.22
N HIS B 42 17.05 2.56 0.76
CA HIS B 42 18.45 2.42 1.26
C HIS B 42 18.90 0.97 1.07
N LYS B 43 19.92 0.76 0.28
CA LYS B 43 20.39 -0.64 0.01
C LYS B 43 20.43 -1.46 1.30
N MET B 44 19.37 -2.16 1.56
CA MET B 44 19.31 -2.99 2.80
C MET B 44 19.84 -4.40 2.51
N VAL B 45 20.38 -5.01 3.53
CA VAL B 45 20.92 -6.39 3.39
C VAL B 45 20.09 -7.32 4.28
N LYS B 46 19.47 -8.31 3.68
CA LYS B 46 18.64 -9.26 4.49
C LYS B 46 19.57 -10.02 5.42
N TRP B 47 19.31 -9.95 6.71
CA TRP B 47 20.15 -10.68 7.69
C TRP B 47 19.30 -11.73 8.38
N GLY B 48 19.82 -12.91 8.45
CA GLY B 48 19.07 -14.02 9.10
C GLY B 48 20.08 -15.01 9.68
N LEU B 49 19.61 -15.93 10.47
CA LEU B 49 20.55 -16.93 11.06
C LEU B 49 19.75 -18.10 11.67
N GLY B 50 18.56 -18.37 11.15
CA GLY B 50 17.73 -19.50 11.71
C GLY B 50 17.53 -20.62 10.70
N LEU B 51 16.39 -21.27 10.81
CA LEU B 51 16.07 -22.41 9.89
C LEU B 51 15.01 -21.95 8.89
N ASP B 52 15.30 -22.07 7.62
CA ASP B 52 14.31 -21.64 6.58
C ASP B 52 13.41 -22.80 6.19
N ASP B 53 12.17 -22.72 6.59
CA ASP B 53 11.20 -23.80 6.27
C ASP B 53 9.94 -23.62 7.11
ZN ZN C . 7.79 -2.80 12.10
ZN ZN D . 18.13 4.19 5.73
N GLY A 1 26.52 23.03 1.53
CA GLY A 1 25.64 23.92 2.34
C GLY A 1 24.50 24.44 1.47
N SER A 2 24.81 24.74 0.22
CA SER A 2 23.79 25.26 -0.70
C SER A 2 22.83 24.15 -1.10
N MET A 3 21.66 24.53 -1.59
CA MET A 3 20.65 23.56 -2.00
C MET A 3 21.16 22.73 -3.16
N SER A 4 21.86 23.37 -4.09
CA SER A 4 22.40 22.69 -5.26
C SER A 4 23.77 23.24 -5.61
N ASP A 5 24.62 22.37 -6.16
CA ASP A 5 25.96 22.77 -6.55
C ASP A 5 25.92 23.86 -7.60
N GLN A 6 24.97 23.76 -8.53
CA GLN A 6 24.87 24.76 -9.58
C GLN A 6 24.64 26.15 -9.00
N GLU A 7 23.69 26.26 -8.06
CA GLU A 7 23.38 27.56 -7.44
C GLU A 7 22.12 27.45 -6.58
N ALA A 8 20.98 27.33 -7.26
CA ALA A 8 19.70 27.23 -6.56
C ALA A 8 18.69 26.43 -7.36
N LYS A 9 17.75 25.80 -6.65
CA LYS A 9 16.75 24.99 -7.32
C LYS A 9 15.63 25.87 -7.89
N PRO A 10 15.04 25.48 -8.99
CA PRO A 10 13.93 26.26 -9.62
C PRO A 10 12.68 26.31 -8.74
N SER A 11 12.53 25.31 -7.89
CA SER A 11 11.36 25.23 -7.00
C SER A 11 10.06 25.14 -7.81
N THR A 12 10.11 25.58 -9.07
CA THR A 12 8.94 25.54 -9.93
C THR A 12 8.50 24.11 -10.16
N GLU A 13 9.46 23.23 -10.44
CA GLU A 13 9.16 21.83 -10.69
C GLU A 13 8.54 21.19 -9.45
N ASP A 14 9.10 21.51 -8.29
CA ASP A 14 8.59 20.96 -7.04
C ASP A 14 7.56 21.89 -6.43
N LEU A 15 6.29 21.53 -6.53
CA LEU A 15 5.22 22.36 -5.96
C LEU A 15 4.55 21.63 -4.80
N GLY A 16 4.46 22.32 -3.67
CA GLY A 16 3.83 21.74 -2.49
C GLY A 16 4.79 20.79 -1.77
N ASP A 17 4.34 20.23 -0.66
CA ASP A 17 5.16 19.28 0.09
C ASP A 17 4.30 18.19 0.69
N LYS A 18 4.29 17.02 0.05
CA LYS A 18 3.52 15.89 0.55
C LYS A 18 4.37 14.63 0.62
N LYS A 19 4.13 13.82 1.64
CA LYS A 19 4.89 12.57 1.79
C LYS A 19 4.67 11.65 0.60
N GLU A 20 3.41 11.50 0.21
CA GLU A 20 3.06 10.64 -0.92
C GLU A 20 3.73 9.28 -0.75
N GLY A 21 3.95 8.86 0.48
CA GLY A 21 4.58 7.58 0.77
C GLY A 21 3.65 6.68 1.58
N GLU A 22 3.33 7.11 2.79
CA GLU A 22 2.46 6.33 3.66
C GLU A 22 1.08 6.17 3.01
N TYR A 23 0.58 7.26 2.42
CA TYR A 23 -0.74 7.25 1.78
C TYR A 23 -0.60 6.94 0.30
N ILE A 24 -1.66 6.39 -0.32
CA ILE A 24 -1.62 6.05 -1.73
C ILE A 24 -2.87 6.56 -2.41
N LYS A 25 -2.90 6.54 -3.73
CA LYS A 25 -4.09 6.99 -4.45
C LYS A 25 -4.88 5.80 -4.96
N LEU A 26 -5.90 5.39 -4.18
CA LEU A 26 -6.76 4.29 -4.59
C LEU A 26 -8.15 4.78 -4.92
N LYS A 27 -8.61 4.43 -6.11
CA LYS A 27 -9.92 4.84 -6.60
C LYS A 27 -10.62 3.74 -7.37
N VAL A 28 -11.91 3.95 -7.62
CA VAL A 28 -12.70 2.98 -8.36
C VAL A 28 -13.55 3.66 -9.42
N ILE A 29 -13.86 2.92 -10.48
CA ILE A 29 -14.67 3.45 -11.56
C ILE A 29 -15.54 2.34 -12.20
N GLY A 30 -16.75 2.18 -11.69
CA GLY A 30 -17.64 1.16 -12.24
C GLY A 30 -18.12 1.57 -13.62
N GLN A 31 -18.63 0.59 -14.36
CA GLN A 31 -19.14 0.83 -15.70
C GLN A 31 -20.30 1.80 -15.67
N ASP A 32 -21.14 1.69 -14.64
CA ASP A 32 -22.31 2.55 -14.56
C ASP A 32 -21.96 4.02 -14.71
N SER A 33 -21.00 4.49 -13.90
CA SER A 33 -20.54 5.89 -13.96
C SER A 33 -20.09 6.38 -12.58
N SER A 34 -19.07 5.75 -12.03
CA SER A 34 -18.56 6.14 -10.71
C SER A 34 -17.18 6.77 -10.85
N GLU A 35 -16.96 7.85 -10.12
CA GLU A 35 -15.66 8.53 -10.16
C GLU A 35 -15.30 9.00 -8.76
N ILE A 36 -14.37 8.30 -8.12
CA ILE A 36 -13.95 8.67 -6.77
C ILE A 36 -12.44 8.88 -6.72
N HIS A 37 -12.00 10.01 -6.20
CA HIS A 37 -10.57 10.30 -6.11
C HIS A 37 -10.17 10.68 -4.70
N PHE A 38 -9.52 9.77 -3.98
CA PHE A 38 -9.07 10.05 -2.63
C PHE A 38 -7.92 9.14 -2.27
N LYS A 39 -7.18 9.50 -1.23
CA LYS A 39 -6.05 8.69 -0.78
C LYS A 39 -6.30 8.01 0.56
N VAL A 40 -5.85 6.76 0.66
CA VAL A 40 -6.03 5.97 1.88
C VAL A 40 -4.69 5.40 2.34
N LYS A 41 -4.52 5.31 3.65
CA LYS A 41 -3.28 4.80 4.22
C LYS A 41 -3.09 3.33 3.88
N MET A 42 -1.83 2.97 3.60
CA MET A 42 -1.51 1.59 3.26
C MET A 42 -0.86 0.89 4.44
N THR A 43 -1.68 0.40 5.35
CA THR A 43 -1.18 -0.30 6.54
C THR A 43 -2.17 -1.35 7.02
N THR A 44 -3.27 -1.47 6.28
CA THR A 44 -4.29 -2.46 6.63
C THR A 44 -4.93 -3.08 5.39
N HIS A 45 -5.40 -4.32 5.54
CA HIS A 45 -6.02 -5.03 4.42
C HIS A 45 -6.84 -4.05 3.59
N LEU A 46 -6.74 -4.19 2.26
CA LEU A 46 -7.45 -3.30 1.35
C LEU A 46 -8.92 -3.20 1.74
N LYS A 47 -9.33 -4.06 2.68
CA LYS A 47 -10.71 -4.10 3.11
C LYS A 47 -11.11 -2.79 3.74
N LYS A 48 -10.23 -2.23 4.54
CA LYS A 48 -10.50 -0.98 5.21
C LYS A 48 -10.63 0.14 4.22
N LEU A 49 -10.71 -0.21 2.94
CA LEU A 49 -10.89 0.78 1.91
C LEU A 49 -12.20 0.57 1.18
N LYS A 50 -12.34 -0.58 0.54
CA LYS A 50 -13.57 -0.87 -0.18
C LYS A 50 -14.74 -1.08 0.75
N GLU A 51 -14.44 -1.41 2.00
CA GLU A 51 -15.49 -1.63 2.98
C GLU A 51 -16.30 -0.35 3.20
N SER A 52 -15.61 0.77 3.26
CA SER A 52 -16.29 2.06 3.43
C SER A 52 -17.08 2.42 2.18
N TYR A 53 -16.44 2.25 1.03
CA TYR A 53 -17.08 2.52 -0.24
C TYR A 53 -18.25 1.57 -0.45
N CYS A 54 -18.00 0.30 -0.21
CA CYS A 54 -19.01 -0.73 -0.42
C CYS A 54 -20.21 -0.57 0.51
N GLN A 55 -19.93 -0.34 1.78
CA GLN A 55 -21.00 -0.18 2.76
C GLN A 55 -21.80 1.10 2.52
N ARG A 56 -21.10 2.17 2.17
CA ARG A 56 -21.76 3.45 1.98
C ARG A 56 -22.51 3.44 0.65
N GLN A 57 -22.31 2.38 -0.15
CA GLN A 57 -23.00 2.25 -1.44
C GLN A 57 -23.66 0.88 -1.57
N GLY A 58 -22.83 -0.15 -1.72
CA GLY A 58 -23.36 -1.50 -1.85
C GLY A 58 -22.28 -2.54 -1.53
N VAL A 59 -22.71 -3.75 -1.22
CA VAL A 59 -21.74 -4.79 -0.90
C VAL A 59 -21.39 -5.59 -2.15
N PRO A 60 -20.14 -5.93 -2.36
CA PRO A 60 -19.70 -6.74 -3.54
C PRO A 60 -20.22 -8.14 -3.52
N MET A 61 -20.68 -8.56 -2.37
CA MET A 61 -21.20 -9.90 -2.23
C MET A 61 -22.51 -10.08 -2.99
N ASN A 62 -22.47 -9.85 -4.30
CA ASN A 62 -23.67 -10.00 -5.13
C ASN A 62 -23.36 -9.62 -6.57
N SER A 63 -23.47 -8.31 -6.85
CA SER A 63 -23.20 -7.80 -8.20
C SER A 63 -21.84 -7.12 -8.28
N LEU A 64 -21.61 -6.17 -7.39
CA LEU A 64 -20.35 -5.43 -7.36
C LEU A 64 -19.17 -6.36 -7.13
N ARG A 65 -18.10 -6.09 -7.85
CA ARG A 65 -16.88 -6.89 -7.78
C ARG A 65 -15.64 -6.02 -7.75
N PHE A 66 -14.64 -6.46 -7.00
CA PHE A 66 -13.38 -5.73 -6.91
C PHE A 66 -12.25 -6.52 -7.57
N LEU A 67 -11.71 -6.03 -8.69
CA LEU A 67 -10.64 -6.74 -9.35
C LEU A 67 -9.35 -5.95 -9.14
N PHE A 68 -8.46 -6.49 -8.32
CA PHE A 68 -7.22 -5.82 -7.98
C PHE A 68 -6.35 -5.68 -9.23
N GLU A 69 -6.28 -6.75 -10.03
CA GLU A 69 -5.48 -6.72 -11.25
C GLU A 69 -6.19 -7.49 -12.37
N GLY A 70 -6.08 -8.81 -12.34
CA GLY A 70 -6.69 -9.68 -13.34
C GLY A 70 -7.29 -10.92 -12.68
N GLN A 71 -7.80 -10.75 -11.46
CA GLN A 71 -8.39 -11.87 -10.73
C GLN A 71 -9.15 -11.37 -9.51
N ARG A 72 -9.54 -12.29 -8.65
CA ARG A 72 -10.27 -11.93 -7.42
C ARG A 72 -9.43 -12.29 -6.19
N ILE A 73 -9.46 -11.40 -5.20
CA ILE A 73 -8.70 -11.62 -3.96
C ILE A 73 -9.61 -11.48 -2.75
N ALA A 74 -9.18 -12.10 -1.65
CA ALA A 74 -9.94 -12.04 -0.41
C ALA A 74 -9.69 -10.71 0.31
N ASP A 75 -10.60 -10.37 1.21
CA ASP A 75 -10.51 -9.10 1.95
C ASP A 75 -9.96 -9.34 3.37
N ASN A 76 -9.34 -10.51 3.57
CA ASN A 76 -8.79 -10.86 4.88
C ASN A 76 -7.26 -10.93 4.85
N HIS A 77 -6.67 -10.35 3.81
CA HIS A 77 -5.23 -10.36 3.67
C HIS A 77 -4.71 -9.01 3.17
N THR A 78 -3.45 -8.73 3.48
CA THR A 78 -2.81 -7.49 3.07
C THR A 78 -1.46 -7.77 2.39
N PRO A 79 -0.68 -8.69 2.91
CA PRO A 79 0.66 -9.03 2.35
C PRO A 79 0.59 -10.08 1.25
N LYS A 80 -0.63 -10.48 0.89
CA LYS A 80 -0.80 -11.47 -0.16
C LYS A 80 -0.27 -10.94 -1.49
N GLU A 81 -0.66 -9.72 -1.83
CA GLU A 81 -0.22 -9.11 -3.07
C GLU A 81 -0.08 -7.59 -2.94
N LEU A 82 -1.22 -6.94 -2.69
CA LEU A 82 -1.29 -5.47 -2.54
C LEU A 82 0.10 -4.89 -2.84
N GLY A 83 0.78 -4.31 -1.83
CA GLY A 83 2.12 -3.79 -2.04
C GLY A 83 2.12 -2.65 -3.04
N MET A 84 1.12 -1.79 -2.94
CA MET A 84 1.00 -0.67 -3.87
C MET A 84 1.90 0.48 -3.41
N GLU A 85 2.31 1.30 -4.37
CA GLU A 85 3.17 2.45 -4.04
C GLU A 85 2.36 3.73 -3.91
N GLU A 86 1.56 4.03 -4.94
CA GLU A 86 0.75 5.23 -4.92
C GLU A 86 -0.42 5.10 -5.89
N GLU A 87 -0.12 4.76 -7.13
CA GLU A 87 -1.16 4.64 -8.15
C GLU A 87 -1.83 3.27 -8.06
N ASP A 88 -2.82 3.17 -7.18
CA ASP A 88 -3.56 1.94 -7.01
C ASP A 88 -4.91 2.05 -7.70
N VAL A 89 -5.16 1.21 -8.69
CA VAL A 89 -6.44 1.26 -9.42
C VAL A 89 -7.17 -0.08 -9.35
N ILE A 90 -8.44 -0.02 -8.98
CA ILE A 90 -9.28 -1.22 -8.90
C ILE A 90 -10.51 -1.08 -9.79
N GLU A 91 -10.73 -2.09 -10.63
CA GLU A 91 -11.89 -2.10 -11.53
C GLU A 91 -13.03 -2.85 -10.90
N VAL A 92 -14.25 -2.35 -11.13
CA VAL A 92 -15.43 -3.00 -10.60
C VAL A 92 -16.51 -3.12 -11.66
N TYR A 93 -17.41 -4.08 -11.48
CA TYR A 93 -18.50 -4.27 -12.43
C TYR A 93 -19.83 -4.22 -11.71
N GLN A 94 -20.79 -3.51 -12.27
CA GLN A 94 -22.11 -3.40 -11.67
C GLN A 94 -23.19 -3.93 -12.61
N GLU A 95 -23.63 -5.16 -12.35
CA GLU A 95 -24.66 -5.79 -13.17
C GLU A 95 -25.99 -5.03 -13.03
N GLN A 96 -26.27 -4.59 -11.80
CA GLN A 96 -27.51 -3.87 -11.53
C GLN A 96 -27.27 -2.76 -10.51
N THR A 97 -28.11 -1.73 -10.55
CA THR A 97 -27.99 -0.62 -9.63
C THR A 97 -28.36 -1.06 -8.22
N GLY A 98 -29.18 -2.10 -8.12
CA GLY A 98 -29.61 -2.60 -6.82
C GLY A 98 -30.79 -1.80 -6.29
N GLY A 99 -31.29 -0.86 -7.09
CA GLY A 99 -32.41 -0.03 -6.68
C GLY A 99 -32.94 0.76 -7.87
N HIS A 100 -34.02 1.50 -7.66
CA HIS A 100 -34.62 2.30 -8.72
C HIS A 100 -35.03 1.42 -9.90
N SER A 101 -34.06 0.92 -10.63
CA SER A 101 -34.33 0.07 -11.78
C SER A 101 -34.90 -1.27 -11.33
N THR A 102 -35.79 -1.82 -12.14
CA THR A 102 -36.40 -3.10 -11.82
C THR A 102 -35.38 -4.22 -11.85
N VAL A 103 -34.43 -4.13 -12.77
CA VAL A 103 -33.40 -5.15 -12.91
C VAL A 103 -32.08 -4.64 -12.33
N GLY B 1 25.52 -12.23 2.67
CA GLY B 1 25.30 -13.58 3.25
C GLY B 1 23.86 -13.73 3.73
N GLN B 2 23.51 -14.92 4.12
CA GLN B 2 22.12 -15.18 4.61
C GLN B 2 22.19 -15.96 5.92
N ASP B 3 21.40 -15.58 6.87
CA ASP B 3 21.42 -16.28 8.19
C ASP B 3 20.02 -16.27 8.80
N ARG B 4 19.95 -16.40 10.10
CA ARG B 4 18.61 -16.44 10.79
C ARG B 4 17.99 -15.02 10.75
N PHE B 5 17.04 -14.75 11.63
CA PHE B 5 16.39 -13.40 11.66
C PHE B 5 16.46 -12.81 13.07
N VAL B 6 17.26 -13.41 13.91
CA VAL B 6 17.32 -12.93 15.32
C VAL B 6 17.55 -11.43 15.39
N TYR B 7 16.46 -10.70 15.34
CA TYR B 7 16.54 -9.22 15.40
C TYR B 7 15.18 -8.65 15.80
N THR B 8 15.07 -7.34 15.79
CA THR B 8 13.78 -6.68 16.16
C THR B 8 13.49 -5.49 15.25
N CYS B 9 12.25 -5.05 15.30
CA CYS B 9 11.81 -3.88 14.46
C CYS B 9 11.33 -2.75 15.36
N ASN B 10 11.91 -1.60 15.15
CA ASN B 10 11.61 -0.41 15.99
C ASN B 10 10.42 0.37 15.45
N GLU B 11 9.79 -0.13 14.44
CA GLU B 11 8.61 0.59 13.89
C GLU B 11 7.33 0.13 14.60
N CYS B 12 7.23 -1.15 14.91
CA CYS B 12 6.02 -1.67 15.62
C CYS B 12 6.42 -2.49 16.85
N LYS B 13 7.70 -2.72 17.01
CA LYS B 13 8.20 -3.52 18.18
C LYS B 13 7.65 -4.95 18.13
N HIS B 14 7.65 -5.52 16.95
CA HIS B 14 7.15 -6.93 16.82
C HIS B 14 8.00 -7.70 15.81
N HIS B 15 9.17 -8.14 16.21
CA HIS B 15 10.04 -8.84 15.23
C HIS B 15 9.27 -9.99 14.62
N VAL B 16 9.61 -10.27 13.39
CA VAL B 16 8.91 -11.39 12.67
C VAL B 16 9.93 -12.15 11.82
N GLU B 17 9.99 -13.44 12.01
CA GLU B 17 10.92 -14.37 11.25
C GLU B 17 11.57 -13.70 10.03
N THR B 18 12.15 -12.54 10.22
CA THR B 18 12.79 -11.81 9.07
C THR B 18 13.24 -10.43 9.55
N ARG B 19 14.34 -9.91 9.04
CA ARG B 19 14.73 -8.52 9.44
C ARG B 19 15.60 -7.89 8.36
N TRP B 20 15.18 -6.75 7.88
CA TRP B 20 15.95 -6.02 6.84
C TRP B 20 16.52 -4.73 7.42
N HIS B 21 17.80 -4.53 7.26
CA HIS B 21 18.46 -3.31 7.82
C HIS B 21 18.83 -2.37 6.69
N CYS B 22 18.14 -1.26 6.61
CA CYS B 22 18.41 -0.25 5.53
C CYS B 22 19.71 0.48 5.85
N THR B 23 20.61 0.56 4.88
CA THR B 23 21.91 1.27 5.15
C THR B 23 21.70 2.78 5.03
N VAL B 24 21.42 3.26 3.85
CA VAL B 24 21.29 4.73 3.63
C VAL B 24 20.76 5.44 4.88
N CYS B 25 19.71 4.93 5.47
CA CYS B 25 19.11 5.59 6.67
C CYS B 25 19.86 5.19 7.94
N GLU B 26 20.59 4.11 7.86
CA GLU B 26 21.42 3.62 9.02
C GLU B 26 20.60 3.51 10.31
N ASP B 27 20.99 2.58 11.14
CA ASP B 27 20.29 2.38 12.44
C ASP B 27 18.79 2.31 12.20
N TYR B 28 18.44 1.90 11.01
CA TYR B 28 16.99 1.79 10.66
C TYR B 28 16.70 0.31 10.44
N ASP B 29 15.77 -0.21 11.20
CA ASP B 29 15.43 -1.68 11.06
C ASP B 29 13.93 -1.83 10.75
N LEU B 30 13.63 -2.71 9.84
CA LEU B 30 12.20 -2.93 9.43
C LEU B 30 11.83 -4.43 9.43
N CYS B 31 10.58 -4.71 9.74
CA CYS B 31 10.08 -6.14 9.73
C CYS B 31 9.27 -6.38 8.46
N ILE B 32 8.71 -7.56 8.33
CA ILE B 32 7.91 -7.91 7.11
C ILE B 32 6.64 -7.05 7.03
N ASN B 33 6.17 -6.62 8.18
CA ASN B 33 4.92 -5.78 8.21
C ASN B 33 5.19 -4.33 7.80
N CYS B 34 6.06 -3.68 8.51
CA CYS B 34 6.34 -2.24 8.21
C CYS B 34 6.89 -2.11 6.79
N TYR B 35 7.76 -3.00 6.44
CA TYR B 35 8.37 -2.98 5.07
C TYR B 35 7.29 -3.09 3.99
N ASN B 36 6.40 -4.02 4.15
CA ASN B 36 5.31 -4.20 3.15
C ASN B 36 4.36 -3.00 3.15
N THR B 37 4.04 -2.53 4.32
CA THR B 37 3.09 -1.39 4.44
C THR B 37 3.76 -0.07 4.06
N LYS B 38 4.88 0.21 4.65
CA LYS B 38 5.59 1.51 4.35
C LYS B 38 6.13 1.50 2.91
N SER B 39 6.68 0.38 2.49
CA SER B 39 7.26 0.30 1.11
C SER B 39 8.63 0.98 1.11
N HIS B 40 9.42 0.68 2.10
CA HIS B 40 10.79 1.29 2.20
C HIS B 40 11.81 0.39 1.51
N ALA B 41 12.19 0.72 0.30
CA ALA B 41 13.18 -0.18 -0.39
C ALA B 41 14.59 0.06 0.15
N HIS B 42 15.38 0.88 -0.53
CA HIS B 42 16.78 1.13 -0.09
C HIS B 42 17.51 -0.21 0.01
N LYS B 43 18.56 -0.38 -0.76
CA LYS B 43 19.30 -1.69 -0.74
C LYS B 43 19.53 -2.16 0.69
N MET B 44 18.63 -2.99 1.16
CA MET B 44 18.77 -3.51 2.55
C MET B 44 19.57 -4.80 2.56
N VAL B 45 20.23 -5.04 3.66
CA VAL B 45 21.04 -6.29 3.78
C VAL B 45 20.44 -7.13 4.90
N LYS B 46 20.04 -8.34 4.58
CA LYS B 46 19.43 -9.24 5.61
C LYS B 46 20.50 -9.56 6.64
N TRP B 47 20.24 -9.25 7.88
CA TRP B 47 21.23 -9.55 8.95
C TRP B 47 20.62 -10.57 9.90
N GLY B 48 21.37 -11.58 10.20
CA GLY B 48 20.88 -12.63 11.12
C GLY B 48 22.07 -13.24 11.84
N LEU B 49 21.81 -14.04 12.84
CA LEU B 49 22.94 -14.66 13.60
C LEU B 49 22.41 -15.80 14.49
N GLY B 50 21.30 -16.42 14.11
CA GLY B 50 20.73 -17.53 14.95
C GLY B 50 20.76 -18.87 14.23
N LEU B 51 19.78 -19.69 14.53
CA LEU B 51 19.69 -21.05 13.90
C LEU B 51 18.55 -21.05 12.89
N ASP B 52 18.85 -21.40 11.66
CA ASP B 52 17.78 -21.42 10.61
C ASP B 52 17.14 -22.80 10.54
N ASP B 53 15.91 -22.88 10.99
CA ASP B 53 15.18 -24.18 10.96
C ASP B 53 13.92 -24.06 11.81
ZN ZN C . 7.54 -3.53 12.22
ZN ZN D . 16.13 3.77 3.89
N GLY A 1 25.87 24.50 0.70
CA GLY A 1 24.96 25.42 1.44
C GLY A 1 23.82 25.85 0.52
N SER A 2 24.16 26.09 -0.75
CA SER A 2 23.15 26.50 -1.72
C SER A 2 22.21 25.34 -2.07
N MET A 3 21.05 25.67 -2.60
CA MET A 3 20.07 24.65 -2.97
C MET A 3 20.62 23.75 -4.06
N SER A 4 21.33 24.35 -5.01
CA SER A 4 21.91 23.60 -6.12
C SER A 4 23.28 24.15 -6.48
N ASP A 5 24.15 23.27 -6.96
CA ASP A 5 25.50 23.66 -7.34
C ASP A 5 25.44 24.69 -8.47
N GLN A 6 24.52 24.50 -9.40
CA GLN A 6 24.42 25.43 -10.52
C GLN A 6 24.16 26.84 -10.05
N GLU A 7 23.20 27.00 -9.14
CA GLU A 7 22.84 28.32 -8.61
C GLU A 7 21.55 28.24 -7.78
N ALA A 8 20.42 28.05 -8.46
CA ALA A 8 19.14 27.98 -7.78
C ALA A 8 18.17 27.09 -8.55
N LYS A 9 17.23 26.49 -7.82
CA LYS A 9 16.25 25.62 -8.46
C LYS A 9 15.13 26.42 -9.11
N PRO A 10 14.57 25.95 -10.20
CA PRO A 10 13.45 26.66 -10.89
C PRO A 10 12.19 26.74 -10.05
N SER A 11 12.04 25.80 -9.13
CA SER A 11 10.86 25.75 -8.27
C SER A 11 9.58 25.58 -9.09
N THR A 12 9.65 25.92 -10.37
CA THR A 12 8.50 25.80 -11.26
C THR A 12 8.09 24.34 -11.39
N GLU A 13 9.08 23.47 -11.59
CA GLU A 13 8.82 22.05 -11.75
C GLU A 13 8.19 21.49 -10.49
N ASP A 14 8.71 21.89 -9.33
CA ASP A 14 8.19 21.41 -8.06
C ASP A 14 7.13 22.37 -7.53
N LEU A 15 5.86 21.97 -7.64
CA LEU A 15 4.77 22.80 -7.16
C LEU A 15 4.09 22.14 -5.96
N GLY A 16 3.95 22.90 -4.88
CA GLY A 16 3.32 22.39 -3.68
C GLY A 16 4.28 21.53 -2.88
N ASP A 17 3.81 21.01 -1.74
CA ASP A 17 4.64 20.15 -0.90
C ASP A 17 3.78 19.08 -0.24
N LYS A 18 3.82 17.87 -0.79
CA LYS A 18 3.06 16.76 -0.24
C LYS A 18 3.94 15.53 -0.08
N LYS A 19 3.71 14.78 1.00
CA LYS A 19 4.48 13.57 1.25
C LYS A 19 4.30 12.56 0.12
N GLU A 20 3.05 12.35 -0.28
CA GLU A 20 2.76 11.41 -1.35
C GLU A 20 3.45 10.07 -1.09
N GLY A 21 3.65 9.76 0.19
CA GLY A 21 4.30 8.51 0.57
C GLY A 21 3.38 7.64 1.41
N GLU A 22 3.02 8.15 2.59
CA GLU A 22 2.15 7.41 3.49
C GLU A 22 0.79 7.18 2.83
N TYR A 23 0.28 8.20 2.16
CA TYR A 23 -1.02 8.13 1.49
C TYR A 23 -0.85 7.71 0.04
N ILE A 24 -1.88 7.11 -0.56
CA ILE A 24 -1.80 6.66 -1.95
C ILE A 24 -3.05 7.09 -2.68
N LYS A 25 -3.05 6.98 -4.00
CA LYS A 25 -4.23 7.35 -4.78
C LYS A 25 -4.98 6.12 -5.22
N LEU A 26 -6.01 5.74 -4.45
CA LEU A 26 -6.84 4.59 -4.78
C LEU A 26 -8.24 5.03 -5.18
N LYS A 27 -8.66 4.58 -6.34
CA LYS A 27 -9.96 4.92 -6.90
C LYS A 27 -10.62 3.76 -7.60
N VAL A 28 -11.91 3.93 -7.88
CA VAL A 28 -12.66 2.88 -8.57
C VAL A 28 -13.51 3.47 -9.70
N ILE A 29 -13.77 2.65 -10.71
CA ILE A 29 -14.57 3.09 -11.85
C ILE A 29 -15.40 1.92 -12.41
N GLY A 30 -16.61 1.76 -11.93
CA GLY A 30 -17.47 0.69 -12.42
C GLY A 30 -17.93 0.98 -13.84
N GLN A 31 -18.41 -0.05 -14.51
CA GLN A 31 -18.88 0.08 -15.87
C GLN A 31 -20.07 1.03 -15.94
N ASP A 32 -20.92 0.97 -14.93
CA ASP A 32 -22.12 1.80 -14.93
C ASP A 32 -21.80 3.27 -15.17
N SER A 33 -20.87 3.82 -14.37
CA SER A 33 -20.44 5.21 -14.52
C SER A 33 -20.03 5.81 -13.18
N SER A 34 -19.00 5.24 -12.56
CA SER A 34 -18.54 5.73 -11.27
C SER A 34 -17.17 6.38 -11.41
N GLU A 35 -16.99 7.53 -10.75
CA GLU A 35 -15.71 8.22 -10.81
C GLU A 35 -15.39 8.80 -9.44
N ILE A 36 -14.45 8.17 -8.72
CA ILE A 36 -14.07 8.63 -7.40
C ILE A 36 -12.57 8.89 -7.35
N HIS A 37 -12.17 10.06 -6.89
CA HIS A 37 -10.75 10.39 -6.79
C HIS A 37 -10.38 10.87 -5.40
N PHE A 38 -9.72 10.03 -4.61
CA PHE A 38 -9.32 10.41 -3.27
C PHE A 38 -8.15 9.55 -2.83
N LYS A 39 -7.45 10.01 -1.80
CA LYS A 39 -6.31 9.27 -1.27
C LYS A 39 -6.57 8.67 0.11
N VAL A 40 -6.09 7.44 0.30
CA VAL A 40 -6.28 6.72 1.57
C VAL A 40 -4.95 6.21 2.08
N LYS A 41 -4.80 6.23 3.40
CA LYS A 41 -3.57 5.78 4.05
C LYS A 41 -3.33 4.30 3.81
N MET A 42 -2.07 3.95 3.57
CA MET A 42 -1.71 2.56 3.34
C MET A 42 -1.06 1.96 4.58
N THR A 43 -1.89 1.51 5.51
CA THR A 43 -1.40 0.90 6.75
C THR A 43 -2.38 -0.13 7.28
N THR A 44 -3.46 -0.32 6.53
CA THR A 44 -4.46 -1.31 6.92
C THR A 44 -5.07 -2.02 5.72
N HIS A 45 -5.51 -3.27 5.93
CA HIS A 45 -6.09 -4.07 4.86
C HIS A 45 -6.90 -3.16 3.94
N LEU A 46 -6.78 -3.40 2.64
CA LEU A 46 -7.49 -2.58 1.66
C LEU A 46 -8.97 -2.49 2.01
N LYS A 47 -9.38 -3.29 2.99
CA LYS A 47 -10.77 -3.34 3.40
C LYS A 47 -11.22 -1.99 3.93
N LYS A 48 -10.36 -1.37 4.70
CA LYS A 48 -10.68 -0.08 5.27
C LYS A 48 -10.81 0.96 4.20
N LEU A 49 -10.85 0.52 2.96
CA LEU A 49 -11.03 1.44 1.86
C LEU A 49 -12.32 1.16 1.12
N LYS A 50 -12.43 -0.05 0.56
CA LYS A 50 -13.62 -0.43 -0.17
C LYS A 50 -14.81 -0.59 0.75
N GLU A 51 -14.54 -0.82 2.02
CA GLU A 51 -15.60 -1.00 3.00
C GLU A 51 -16.44 0.27 3.11
N SER A 52 -15.77 1.42 3.10
CA SER A 52 -16.49 2.69 3.17
C SER A 52 -17.26 2.94 1.89
N TYR A 53 -16.59 2.71 0.77
CA TYR A 53 -17.21 2.88 -0.53
C TYR A 53 -18.36 1.90 -0.71
N CYS A 54 -18.07 0.64 -0.37
CA CYS A 54 -19.06 -0.42 -0.54
C CYS A 54 -20.28 -0.22 0.37
N GLN A 55 -20.04 0.10 1.63
CA GLN A 55 -21.13 0.30 2.56
C GLN A 55 -21.95 1.54 2.22
N ARG A 56 -21.27 2.60 1.82
CA ARG A 56 -21.95 3.85 1.52
C ARG A 56 -22.67 3.72 0.17
N GLN A 57 -22.43 2.62 -0.54
CA GLN A 57 -23.08 2.38 -1.83
C GLN A 57 -23.71 0.99 -1.89
N GLY A 58 -22.86 -0.02 -1.94
CA GLY A 58 -23.36 -1.40 -1.98
C GLY A 58 -22.27 -2.38 -1.57
N VAL A 59 -22.67 -3.59 -1.19
CA VAL A 59 -21.69 -4.57 -0.77
C VAL A 59 -21.29 -5.44 -1.97
N PRO A 60 -20.02 -5.77 -2.13
CA PRO A 60 -19.54 -6.65 -3.24
C PRO A 60 -20.05 -8.06 -3.13
N MET A 61 -20.51 -8.41 -1.96
CA MET A 61 -21.00 -9.74 -1.74
C MET A 61 -22.29 -10.01 -2.51
N ASN A 62 -22.23 -9.87 -3.83
CA ASN A 62 -23.41 -10.11 -4.68
C ASN A 62 -23.06 -9.81 -6.14
N SER A 63 -23.20 -8.54 -6.51
CA SER A 63 -22.91 -8.11 -7.89
C SER A 63 -21.57 -7.39 -7.99
N LEU A 64 -21.38 -6.39 -7.15
CA LEU A 64 -20.14 -5.62 -7.16
C LEU A 64 -18.95 -6.50 -6.84
N ARG A 65 -17.87 -6.26 -7.55
CA ARG A 65 -16.64 -7.02 -7.40
C ARG A 65 -15.41 -6.11 -7.41
N PHE A 66 -14.41 -6.49 -6.61
CA PHE A 66 -13.17 -5.72 -6.54
C PHE A 66 -12.02 -6.53 -7.11
N LEU A 67 -11.47 -6.10 -8.26
CA LEU A 67 -10.36 -6.82 -8.86
C LEU A 67 -9.10 -5.99 -8.67
N PHE A 68 -8.22 -6.46 -7.79
CA PHE A 68 -6.99 -5.74 -7.48
C PHE A 68 -6.10 -5.66 -8.71
N GLU A 69 -5.98 -6.77 -9.44
CA GLU A 69 -5.16 -6.81 -10.64
C GLU A 69 -5.83 -7.67 -11.72
N GLY A 70 -5.68 -8.98 -11.59
CA GLY A 70 -6.26 -9.93 -12.54
C GLY A 70 -6.85 -11.14 -11.81
N GLN A 71 -7.38 -10.91 -10.62
CA GLN A 71 -7.96 -11.98 -9.83
C GLN A 71 -8.77 -11.42 -8.65
N ARG A 72 -9.15 -12.29 -7.74
CA ARG A 72 -9.91 -11.87 -6.57
C ARG A 72 -9.10 -12.12 -5.29
N ILE A 73 -9.17 -11.17 -4.36
CA ILE A 73 -8.44 -11.27 -3.10
C ILE A 73 -9.37 -11.08 -1.91
N ALA A 74 -8.96 -11.61 -0.76
CA ALA A 74 -9.74 -11.49 0.46
C ALA A 74 -9.54 -10.11 1.09
N ASP A 75 -10.48 -9.72 1.94
CA ASP A 75 -10.42 -8.41 2.59
C ASP A 75 -9.91 -8.53 4.03
N ASN A 76 -9.26 -9.67 4.33
CA ASN A 76 -8.73 -9.92 5.67
C ASN A 76 -7.20 -9.96 5.67
N HIS A 77 -6.61 -9.42 4.61
CA HIS A 77 -5.15 -9.41 4.50
C HIS A 77 -4.67 -8.10 3.92
N THR A 78 -3.42 -7.76 4.24
CA THR A 78 -2.79 -6.54 3.76
C THR A 78 -1.42 -6.83 3.12
N PRO A 79 -0.63 -7.70 3.71
CA PRO A 79 0.73 -8.04 3.21
C PRO A 79 0.70 -9.16 2.18
N LYS A 80 -0.50 -9.62 1.84
CA LYS A 80 -0.63 -10.67 0.84
C LYS A 80 -0.08 -10.23 -0.50
N GLU A 81 -0.49 -9.04 -0.93
CA GLU A 81 -0.04 -8.51 -2.22
C GLU A 81 0.07 -6.99 -2.18
N LEU A 82 -1.08 -6.35 -2.00
CA LEU A 82 -1.19 -4.87 -1.95
C LEU A 82 0.19 -4.28 -2.27
N GLY A 83 0.83 -3.62 -1.28
CA GLY A 83 2.17 -3.09 -1.50
C GLY A 83 2.17 -2.01 -2.58
N MET A 84 1.14 -1.18 -2.56
CA MET A 84 1.02 -0.12 -3.56
C MET A 84 1.88 1.08 -3.17
N GLU A 85 2.30 1.85 -4.16
CA GLU A 85 3.12 3.02 -3.91
C GLU A 85 2.28 4.29 -3.88
N GLU A 86 1.49 4.49 -4.93
CA GLU A 86 0.65 5.68 -5.02
C GLU A 86 -0.49 5.46 -6.00
N GLU A 87 -0.15 5.05 -7.22
CA GLU A 87 -1.17 4.83 -8.24
C GLU A 87 -1.82 3.46 -8.09
N ASP A 88 -2.81 3.39 -7.21
CA ASP A 88 -3.53 2.15 -6.97
C ASP A 88 -4.87 2.19 -7.69
N VAL A 89 -5.08 1.28 -8.64
CA VAL A 89 -6.34 1.25 -9.38
C VAL A 89 -7.04 -0.10 -9.24
N ILE A 90 -8.32 -0.05 -8.89
CA ILE A 90 -9.14 -1.26 -8.75
C ILE A 90 -10.35 -1.22 -9.66
N GLU A 91 -10.53 -2.28 -10.45
CA GLU A 91 -11.66 -2.37 -11.36
C GLU A 91 -12.81 -3.11 -10.71
N VAL A 92 -14.03 -2.66 -11.00
CA VAL A 92 -15.21 -3.30 -10.45
C VAL A 92 -16.25 -3.51 -11.53
N TYR A 93 -17.14 -4.48 -11.30
CA TYR A 93 -18.21 -4.77 -12.26
C TYR A 93 -19.56 -4.70 -11.57
N GLN A 94 -20.52 -4.04 -12.20
CA GLN A 94 -21.85 -3.93 -11.63
C GLN A 94 -22.89 -4.55 -12.56
N GLU A 95 -23.31 -5.77 -12.22
CA GLU A 95 -24.31 -6.47 -13.01
C GLU A 95 -25.66 -5.75 -12.95
N GLN A 96 -25.98 -5.23 -11.77
CA GLN A 96 -27.23 -4.52 -11.57
C GLN A 96 -27.05 -3.34 -10.62
N THR A 97 -27.91 -2.34 -10.75
CA THR A 97 -27.84 -1.16 -9.91
C THR A 97 -28.23 -1.51 -8.48
N GLY A 98 -29.02 -2.56 -8.32
CA GLY A 98 -29.47 -2.98 -7.00
C GLY A 98 -30.68 -2.16 -6.55
N GLY A 99 -31.18 -1.30 -7.42
CA GLY A 99 -32.34 -0.48 -7.10
C GLY A 99 -32.85 0.22 -8.35
N HIS A 100 -33.95 0.95 -8.20
CA HIS A 100 -34.55 1.66 -9.34
C HIS A 100 -34.92 0.69 -10.46
N SER A 101 -33.91 0.16 -11.15
CA SER A 101 -34.14 -0.77 -12.23
C SER A 101 -34.69 -2.08 -11.70
N THR A 102 -35.55 -2.72 -12.49
CA THR A 102 -36.15 -3.98 -12.09
C THR A 102 -35.09 -5.08 -12.02
N VAL A 103 -34.12 -5.02 -12.93
CA VAL A 103 -33.06 -6.02 -12.97
C VAL A 103 -31.77 -5.45 -12.40
N GLY B 1 26.43 -11.19 2.61
CA GLY B 1 26.33 -12.59 3.12
C GLY B 1 24.89 -12.90 3.53
N GLN B 2 24.66 -14.14 3.86
CA GLN B 2 23.29 -14.56 4.28
C GLN B 2 23.40 -15.39 5.56
N ASP B 3 22.54 -15.13 6.50
CA ASP B 3 22.58 -15.88 7.79
C ASP B 3 21.16 -16.05 8.33
N ARG B 4 21.07 -16.25 9.63
CA ARG B 4 19.71 -16.45 10.27
C ARG B 4 18.95 -15.11 10.27
N PHE B 5 17.96 -14.98 11.12
CA PHE B 5 17.16 -13.70 11.18
C PHE B 5 17.13 -13.16 12.61
N VAL B 6 17.96 -13.72 13.46
CA VAL B 6 17.92 -13.31 14.89
C VAL B 6 17.99 -11.79 15.03
N TYR B 7 16.83 -11.18 14.97
CA TYR B 7 16.75 -9.70 15.09
C TYR B 7 15.33 -9.28 15.47
N THR B 8 15.09 -7.99 15.52
CA THR B 8 13.73 -7.50 15.86
C THR B 8 13.34 -6.30 15.00
N CYS B 9 12.07 -5.98 15.01
CA CYS B 9 11.55 -4.84 14.21
C CYS B 9 10.92 -3.80 15.13
N ASN B 10 11.39 -2.58 15.00
CA ASN B 10 10.94 -1.47 15.87
C ASN B 10 9.69 -0.80 15.33
N GLU B 11 9.15 -1.30 14.27
CA GLU B 11 7.91 -0.68 13.72
C GLU B 11 6.66 -1.31 14.35
N CYS B 12 6.69 -2.60 14.61
CA CYS B 12 5.51 -3.27 15.24
C CYS B 12 5.95 -4.11 16.45
N LYS B 13 7.24 -4.21 16.64
CA LYS B 13 7.79 -5.01 17.80
C LYS B 13 7.38 -6.49 17.67
N HIS B 14 7.49 -6.99 16.47
CA HIS B 14 7.14 -8.44 16.25
C HIS B 14 8.11 -9.07 15.24
N HIS B 15 9.30 -9.42 15.67
CA HIS B 15 10.26 -9.98 14.70
C HIS B 15 9.65 -11.17 14.00
N VAL B 16 10.05 -11.36 12.78
CA VAL B 16 9.50 -12.51 11.98
C VAL B 16 10.61 -13.12 11.14
N GLU B 17 10.79 -14.40 11.29
CA GLU B 17 11.84 -15.19 10.52
C GLU B 17 12.46 -14.40 9.35
N THR B 18 12.91 -13.20 9.61
CA THR B 18 13.52 -12.37 8.52
C THR B 18 13.80 -10.96 9.07
N ARG B 19 14.86 -10.32 8.64
CA ARG B 19 15.09 -8.90 9.11
C ARG B 19 15.93 -8.15 8.09
N TRP B 20 15.41 -7.03 7.66
CA TRP B 20 16.14 -6.18 6.66
C TRP B 20 16.54 -4.87 7.33
N HIS B 21 17.81 -4.53 7.23
CA HIS B 21 18.31 -3.28 7.87
C HIS B 21 18.63 -2.25 6.79
N CYS B 22 17.82 -1.22 6.72
CA CYS B 22 18.03 -0.14 5.71
C CYS B 22 19.24 0.71 6.10
N THR B 23 20.16 0.93 5.18
CA THR B 23 21.36 1.74 5.53
C THR B 23 21.02 3.23 5.47
N VAL B 24 20.72 3.73 4.30
CA VAL B 24 20.45 5.19 4.13
C VAL B 24 19.80 5.78 5.40
N CYS B 25 18.79 5.13 5.91
CA CYS B 25 18.09 5.68 7.12
C CYS B 25 18.83 5.30 8.41
N GLU B 26 19.67 4.30 8.32
CA GLU B 26 20.51 3.86 9.48
C GLU B 26 19.65 3.60 10.72
N ASP B 27 20.11 2.68 11.53
CA ASP B 27 19.38 2.35 12.79
C ASP B 27 17.93 2.14 12.48
N TYR B 28 17.65 1.74 11.27
CA TYR B 28 16.24 1.50 10.87
C TYR B 28 16.11 0.02 10.57
N ASP B 29 15.20 -0.64 11.27
CA ASP B 29 15.02 -2.12 11.05
C ASP B 29 13.57 -2.40 10.69
N LEU B 30 13.38 -3.28 9.71
CA LEU B 30 12.00 -3.61 9.25
C LEU B 30 11.79 -5.14 9.17
N CYS B 31 10.56 -5.55 9.42
CA CYS B 31 10.21 -7.03 9.34
C CYS B 31 9.48 -7.29 8.01
N ILE B 32 9.04 -8.52 7.81
CA ILE B 32 8.34 -8.88 6.54
C ILE B 32 6.97 -8.15 6.46
N ASN B 33 6.42 -7.83 7.60
CA ASN B 33 5.09 -7.12 7.63
C ASN B 33 5.23 -5.64 7.29
N CYS B 34 6.01 -4.93 8.05
CA CYS B 34 6.14 -3.46 7.83
C CYS B 34 6.72 -3.20 6.44
N TYR B 35 7.69 -3.99 6.08
CA TYR B 35 8.34 -3.84 4.74
C TYR B 35 7.32 -4.01 3.62
N ASN B 36 6.53 -5.03 3.70
CA ASN B 36 5.50 -5.28 2.65
C ASN B 36 4.43 -4.18 2.68
N THR B 37 4.02 -3.80 3.85
CA THR B 37 2.95 -2.76 3.96
C THR B 37 3.50 -1.37 3.68
N LYS B 38 4.57 -1.01 4.33
CA LYS B 38 5.15 0.37 4.10
C LYS B 38 5.74 0.48 2.70
N SER B 39 6.41 -0.55 2.25
CA SER B 39 7.04 -0.50 0.90
C SER B 39 8.33 0.30 0.96
N HIS B 40 9.12 0.03 1.97
CA HIS B 40 10.41 0.78 2.16
C HIS B 40 11.54 0.02 1.46
N ALA B 41 11.93 0.44 0.29
CA ALA B 41 13.02 -0.32 -0.41
C ALA B 41 14.39 0.04 0.20
N HIS B 42 15.10 0.96 -0.41
CA HIS B 42 16.46 1.34 0.08
C HIS B 42 17.32 0.07 0.16
N LYS B 43 18.41 0.04 -0.58
CA LYS B 43 19.27 -1.18 -0.59
C LYS B 43 19.51 -1.70 0.83
N MET B 44 18.68 -2.63 1.23
CA MET B 44 18.81 -3.20 2.61
C MET B 44 19.75 -4.40 2.58
N VAL B 45 20.40 -4.63 3.69
CA VAL B 45 21.33 -5.79 3.81
C VAL B 45 20.78 -6.75 4.86
N LYS B 46 20.51 -7.97 4.47
CA LYS B 46 19.97 -8.97 5.44
C LYS B 46 21.04 -9.22 6.49
N TRP B 47 20.70 -9.00 7.74
CA TRP B 47 21.68 -9.26 8.83
C TRP B 47 21.14 -10.37 9.70
N GLY B 48 21.98 -11.31 10.00
CA GLY B 48 21.56 -12.45 10.85
C GLY B 48 22.80 -12.98 11.59
N LEU B 49 22.59 -13.84 12.55
CA LEU B 49 23.74 -14.38 13.31
C LEU B 49 23.31 -15.61 14.13
N GLY B 50 22.28 -16.32 13.69
CA GLY B 50 21.80 -17.51 14.46
C GLY B 50 21.98 -18.81 13.67
N LEU B 51 21.09 -19.74 13.91
CA LEU B 51 21.17 -21.06 13.22
C LEU B 51 20.06 -21.14 12.16
N ASP B 52 20.43 -21.40 10.93
CA ASP B 52 19.40 -21.48 9.85
C ASP B 52 18.92 -22.90 9.68
N ASP B 53 17.69 -23.13 10.08
CA ASP B 53 17.10 -24.50 9.97
C ASP B 53 15.80 -24.55 10.77
ZN ZN C . 7.34 -4.81 11.82
ZN ZN D . 15.41 3.70 4.15
N GLY A 1 26.00 23.85 2.67
CA GLY A 1 25.07 24.74 3.42
C GLY A 1 23.96 25.23 2.50
N SER A 2 24.32 25.50 1.24
CA SER A 2 23.35 25.97 0.27
C SER A 2 22.41 24.84 -0.14
N MET A 3 21.26 25.21 -0.69
CA MET A 3 20.28 24.21 -1.12
C MET A 3 20.84 23.34 -2.25
N SER A 4 21.58 23.98 -3.14
CA SER A 4 22.18 23.28 -4.28
C SER A 4 23.56 23.83 -4.59
N ASP A 5 24.43 22.96 -5.08
CA ASP A 5 25.79 23.36 -5.42
C ASP A 5 25.77 24.42 -6.49
N GLN A 6 24.87 24.30 -7.45
CA GLN A 6 24.80 25.26 -8.54
C GLN A 6 24.54 26.67 -8.00
N GLU A 7 23.56 26.79 -7.12
CA GLU A 7 23.20 28.09 -6.53
C GLU A 7 21.91 27.98 -5.74
N ALA A 8 20.78 27.84 -6.45
CA ALA A 8 19.49 27.76 -5.80
C ALA A 8 18.52 26.91 -6.63
N LYS A 9 17.56 26.29 -5.95
CA LYS A 9 16.59 25.46 -6.65
C LYS A 9 15.49 26.30 -7.28
N PRO A 10 14.94 25.88 -8.40
CA PRO A 10 13.86 26.63 -9.10
C PRO A 10 12.58 26.69 -8.26
N SER A 11 12.40 25.71 -7.40
CA SER A 11 11.20 25.64 -6.56
C SER A 11 9.94 25.52 -7.42
N THR A 12 10.03 25.93 -8.68
CA THR A 12 8.91 25.85 -9.60
C THR A 12 8.48 24.40 -9.81
N GLU A 13 9.47 23.53 -10.03
CA GLU A 13 9.19 22.12 -10.24
C GLU A 13 8.53 21.51 -9.02
N ASP A 14 9.04 21.86 -7.84
CA ASP A 14 8.48 21.33 -6.60
C ASP A 14 7.42 22.28 -6.06
N LEU A 15 6.15 21.89 -6.20
CA LEU A 15 5.04 22.71 -5.71
C LEU A 15 4.35 22.01 -4.56
N GLY A 16 4.19 22.73 -3.44
CA GLY A 16 3.52 22.18 -2.28
C GLY A 16 4.46 21.27 -1.50
N ASP A 17 3.96 20.71 -0.39
CA ASP A 17 4.76 19.81 0.42
C ASP A 17 3.89 18.71 1.02
N LYS A 18 3.92 17.53 0.41
CA LYS A 18 3.13 16.41 0.90
C LYS A 18 3.99 15.16 1.03
N LYS A 19 3.74 14.36 2.06
CA LYS A 19 4.50 13.14 2.28
C LYS A 19 4.32 12.18 1.11
N GLU A 20 3.08 12.01 0.66
CA GLU A 20 2.80 11.11 -0.45
C GLU A 20 3.47 9.76 -0.23
N GLY A 21 3.64 9.39 1.03
CA GLY A 21 4.27 8.11 1.38
C GLY A 21 3.33 7.22 2.17
N GLU A 22 2.94 7.68 3.36
CA GLU A 22 2.05 6.91 4.20
C GLU A 22 0.69 6.73 3.50
N TYR A 23 0.22 7.79 2.87
CA TYR A 23 -1.08 7.75 2.18
C TYR A 23 -0.88 7.40 0.70
N ILE A 24 -1.90 6.84 0.06
CA ILE A 24 -1.79 6.45 -1.34
C ILE A 24 -3.03 6.92 -2.09
N LYS A 25 -3.00 6.87 -3.41
CA LYS A 25 -4.15 7.28 -4.19
C LYS A 25 -4.92 6.07 -4.70
N LEU A 26 -5.96 5.68 -3.97
CA LEU A 26 -6.79 4.55 -4.37
C LEU A 26 -8.17 5.03 -4.77
N LYS A 27 -8.57 4.63 -5.97
CA LYS A 27 -9.86 5.01 -6.53
C LYS A 27 -10.51 3.88 -7.31
N VAL A 28 -11.79 4.07 -7.61
CA VAL A 28 -12.54 3.07 -8.36
C VAL A 28 -13.36 3.71 -9.47
N ILE A 29 -13.61 2.94 -10.53
CA ILE A 29 -14.38 3.44 -11.66
C ILE A 29 -15.21 2.31 -12.30
N GLY A 30 -16.43 2.14 -11.84
CA GLY A 30 -17.30 1.10 -12.39
C GLY A 30 -17.71 1.46 -13.81
N GLN A 31 -18.19 0.46 -14.53
CA GLN A 31 -18.63 0.65 -15.91
C GLN A 31 -19.81 1.62 -15.95
N ASP A 32 -20.69 1.53 -14.96
CA ASP A 32 -21.88 2.36 -14.96
C ASP A 32 -21.53 3.84 -15.12
N SER A 33 -20.61 4.35 -14.29
CA SER A 33 -20.17 5.75 -14.36
C SER A 33 -19.78 6.28 -12.99
N SER A 34 -18.77 5.67 -12.37
CA SER A 34 -18.33 6.10 -11.05
C SER A 34 -16.95 6.74 -11.14
N GLU A 35 -16.77 7.86 -10.43
CA GLU A 35 -15.49 8.54 -10.43
C GLU A 35 -15.19 9.05 -9.02
N ILE A 36 -14.28 8.38 -8.33
CA ILE A 36 -13.92 8.79 -6.97
C ILE A 36 -12.42 9.01 -6.87
N HIS A 37 -12.02 10.17 -6.36
CA HIS A 37 -10.59 10.47 -6.22
C HIS A 37 -10.25 10.90 -4.79
N PHE A 38 -9.62 10.01 -4.03
CA PHE A 38 -9.24 10.33 -2.66
C PHE A 38 -8.10 9.44 -2.23
N LYS A 39 -7.40 9.84 -1.17
CA LYS A 39 -6.28 9.06 -0.65
C LYS A 39 -6.58 8.41 0.69
N VAL A 40 -6.13 7.17 0.85
CA VAL A 40 -6.35 6.40 2.07
C VAL A 40 -5.02 5.86 2.60
N LYS A 41 -4.91 5.82 3.92
CA LYS A 41 -3.70 5.33 4.57
C LYS A 41 -3.48 3.86 4.27
N MET A 42 -2.21 3.51 4.06
CA MET A 42 -1.85 2.13 3.76
C MET A 42 -1.24 1.45 4.98
N THR A 43 -2.10 0.98 5.89
CA THR A 43 -1.64 0.32 7.10
C THR A 43 -2.64 -0.73 7.57
N THR A 44 -3.71 -0.87 6.78
CA THR A 44 -4.72 -1.86 7.11
C THR A 44 -5.31 -2.52 5.87
N HIS A 45 -5.77 -3.77 6.02
CA HIS A 45 -6.34 -4.52 4.90
C HIS A 45 -7.12 -3.57 4.00
N LEU A 46 -6.97 -3.74 2.71
CA LEU A 46 -7.65 -2.88 1.73
C LEU A 46 -9.13 -2.78 2.07
N LYS A 47 -9.57 -3.63 2.99
CA LYS A 47 -10.98 -3.68 3.37
C LYS A 47 -11.42 -2.35 3.95
N LYS A 48 -10.58 -1.77 4.76
CA LYS A 48 -10.89 -0.50 5.39
C LYS A 48 -10.99 0.58 4.37
N LEU A 49 -11.01 0.20 3.09
CA LEU A 49 -11.15 1.17 2.04
C LEU A 49 -12.43 0.93 1.25
N LYS A 50 -12.54 -0.25 0.64
CA LYS A 50 -13.72 -0.58 -0.12
C LYS A 50 -14.93 -0.77 0.76
N GLU A 51 -14.68 -1.06 2.02
CA GLU A 51 -15.77 -1.27 2.97
C GLU A 51 -16.60 0.01 3.12
N SER A 52 -15.92 1.14 3.18
CA SER A 52 -16.62 2.42 3.29
C SER A 52 -17.37 2.73 2.00
N TYR A 53 -16.67 2.55 0.88
CA TYR A 53 -17.27 2.78 -0.42
C TYR A 53 -18.42 1.81 -0.67
N CYS A 54 -18.16 0.55 -0.38
CA CYS A 54 -19.16 -0.50 -0.60
C CYS A 54 -20.39 -0.32 0.28
N GLN A 55 -20.16 -0.07 1.55
CA GLN A 55 -21.28 0.11 2.48
C GLN A 55 -22.08 1.37 2.17
N ARG A 56 -21.38 2.44 1.83
CA ARG A 56 -22.04 3.70 1.56
C ARG A 56 -22.74 3.65 0.20
N GLN A 57 -22.49 2.56 -0.55
CA GLN A 57 -23.11 2.40 -1.87
C GLN A 57 -23.75 1.03 -2.00
N GLY A 58 -22.92 0.00 -2.07
CA GLY A 58 -23.42 -1.37 -2.19
C GLY A 58 -22.35 -2.38 -1.80
N VAL A 59 -22.78 -3.59 -1.47
CA VAL A 59 -21.82 -4.60 -1.09
C VAL A 59 -21.40 -5.43 -2.31
N PRO A 60 -20.13 -5.76 -2.45
CA PRO A 60 -19.64 -6.60 -3.59
C PRO A 60 -20.16 -8.00 -3.56
N MET A 61 -20.65 -8.40 -2.41
CA MET A 61 -21.16 -9.75 -2.26
C MET A 61 -22.44 -9.96 -3.07
N ASN A 62 -22.35 -9.76 -4.38
CA ASN A 62 -23.50 -9.96 -5.25
C ASN A 62 -23.13 -9.59 -6.69
N SER A 63 -23.24 -8.31 -7.02
CA SER A 63 -22.92 -7.83 -8.37
C SER A 63 -21.57 -7.12 -8.40
N LEU A 64 -21.38 -6.15 -7.52
CA LEU A 64 -20.14 -5.39 -7.47
C LEU A 64 -18.96 -6.31 -7.16
N ARG A 65 -17.86 -6.04 -7.84
CA ARG A 65 -16.64 -6.82 -7.70
C ARG A 65 -15.41 -5.93 -7.64
N PHE A 66 -14.44 -6.35 -6.83
CA PHE A 66 -13.19 -5.61 -6.71
C PHE A 66 -12.03 -6.40 -7.30
N LEU A 67 -11.45 -5.92 -8.40
CA LEU A 67 -10.33 -6.64 -9.00
C LEU A 67 -9.07 -5.83 -8.76
N PHE A 68 -8.22 -6.35 -7.89
CA PHE A 68 -6.98 -5.65 -7.52
C PHE A 68 -6.07 -5.53 -8.73
N GLU A 69 -5.95 -6.61 -9.50
CA GLU A 69 -5.11 -6.61 -10.69
C GLU A 69 -5.76 -7.42 -11.81
N GLY A 70 -5.63 -8.74 -11.73
CA GLY A 70 -6.19 -9.62 -12.74
C GLY A 70 -6.80 -10.86 -12.07
N GLN A 71 -7.36 -10.67 -10.88
CA GLN A 71 -7.98 -11.77 -10.15
C GLN A 71 -8.80 -11.26 -8.98
N ARG A 72 -9.21 -12.17 -8.10
CA ARG A 72 -9.99 -11.78 -6.93
C ARG A 72 -9.21 -12.09 -5.65
N ILE A 73 -9.29 -11.18 -4.68
CA ILE A 73 -8.59 -11.35 -3.42
C ILE A 73 -9.54 -11.20 -2.23
N ALA A 74 -9.16 -11.79 -1.10
CA ALA A 74 -9.97 -11.70 0.10
C ALA A 74 -9.76 -10.35 0.79
N ASP A 75 -10.72 -9.98 1.64
CA ASP A 75 -10.66 -8.71 2.36
C ASP A 75 -10.19 -8.91 3.79
N ASN A 76 -9.56 -10.05 4.05
CA ASN A 76 -9.05 -10.37 5.39
C ASN A 76 -7.52 -10.43 5.43
N HIS A 77 -6.91 -9.85 4.42
CA HIS A 77 -5.45 -9.85 4.33
C HIS A 77 -4.94 -8.52 3.82
N THR A 78 -3.69 -8.21 4.17
CA THR A 78 -3.04 -6.97 3.76
C THR A 78 -1.67 -7.25 3.15
N PRO A 79 -0.90 -8.16 3.71
CA PRO A 79 0.47 -8.49 3.22
C PRO A 79 0.45 -9.58 2.15
N LYS A 80 -0.74 -10.00 1.76
CA LYS A 80 -0.85 -11.01 0.72
C LYS A 80 -0.28 -10.52 -0.59
N GLU A 81 -0.67 -9.31 -0.98
CA GLU A 81 -0.18 -8.71 -2.23
C GLU A 81 -0.06 -7.21 -2.13
N LEU A 82 -1.21 -6.56 -1.94
CA LEU A 82 -1.31 -5.08 -1.84
C LEU A 82 0.09 -4.50 -2.09
N GLY A 83 0.72 -3.89 -1.06
CA GLY A 83 2.07 -3.35 -1.23
C GLY A 83 2.09 -2.24 -2.27
N MET A 84 1.08 -1.39 -2.23
CA MET A 84 0.99 -0.29 -3.19
C MET A 84 1.85 0.88 -2.73
N GLU A 85 2.30 1.69 -3.68
CA GLU A 85 3.13 2.84 -3.35
C GLU A 85 2.30 4.12 -3.30
N GLU A 86 1.55 4.38 -4.35
CA GLU A 86 0.72 5.57 -4.40
C GLU A 86 -0.41 5.40 -5.42
N GLU A 87 -0.04 5.03 -6.64
CA GLU A 87 -1.04 4.88 -7.70
C GLU A 87 -1.71 3.51 -7.61
N ASP A 88 -2.72 3.42 -6.76
CA ASP A 88 -3.45 2.17 -6.60
C ASP A 88 -4.79 2.26 -7.33
N VAL A 89 -4.98 1.39 -8.33
CA VAL A 89 -6.22 1.41 -9.10
C VAL A 89 -6.94 0.06 -9.04
N ILE A 90 -8.23 0.10 -8.71
CA ILE A 90 -9.06 -1.10 -8.63
C ILE A 90 -10.25 -1.00 -9.58
N GLU A 91 -10.42 -2.03 -10.40
CA GLU A 91 -11.54 -2.07 -11.35
C GLU A 91 -12.70 -2.83 -10.76
N VAL A 92 -13.91 -2.35 -11.05
CA VAL A 92 -15.11 -2.99 -10.55
C VAL A 92 -16.14 -3.15 -11.65
N TYR A 93 -17.04 -4.11 -11.49
CA TYR A 93 -18.08 -4.35 -12.48
C TYR A 93 -19.45 -4.30 -11.81
N GLN A 94 -20.39 -3.61 -12.45
CA GLN A 94 -21.74 -3.49 -11.90
C GLN A 94 -22.76 -4.07 -12.88
N GLU A 95 -23.20 -5.29 -12.60
CA GLU A 95 -24.19 -5.95 -13.44
C GLU A 95 -25.53 -5.21 -13.38
N GLN A 96 -25.87 -4.75 -12.18
CA GLN A 96 -27.13 -4.02 -11.98
C GLN A 96 -26.94 -2.90 -10.98
N THR A 97 -27.79 -1.88 -11.08
CA THR A 97 -27.73 -0.74 -10.19
C THR A 97 -28.15 -1.14 -8.77
N GLY A 98 -28.96 -2.19 -8.69
CA GLY A 98 -29.45 -2.66 -7.40
C GLY A 98 -30.66 -1.86 -6.93
N GLY A 99 -31.13 -0.95 -7.79
CA GLY A 99 -32.27 -0.13 -7.45
C GLY A 99 -32.76 0.62 -8.68
N HIS A 100 -33.85 1.37 -8.53
CA HIS A 100 -34.41 2.13 -9.64
C HIS A 100 -34.77 1.22 -10.81
N SER A 101 -33.75 0.70 -11.50
CA SER A 101 -33.97 -0.18 -12.63
C SER A 101 -34.55 -1.51 -12.16
N THR A 102 -35.40 -2.09 -13.00
CA THR A 102 -36.02 -3.38 -12.67
C THR A 102 -34.98 -4.49 -12.62
N VAL A 103 -33.99 -4.40 -13.52
CA VAL A 103 -32.94 -5.41 -13.57
C VAL A 103 -31.65 -4.87 -12.94
N GLY B 1 26.78 -11.34 3.40
CA GLY B 1 26.71 -12.68 4.06
C GLY B 1 25.28 -12.99 4.47
N GLN B 2 25.06 -14.19 4.95
CA GLN B 2 23.70 -14.61 5.38
C GLN B 2 23.81 -15.29 6.75
N ASP B 3 22.92 -14.94 7.64
CA ASP B 3 22.96 -15.56 9.00
C ASP B 3 21.54 -15.70 9.54
N ARG B 4 21.42 -15.76 10.84
CA ARG B 4 20.06 -15.94 11.48
C ARG B 4 19.26 -14.62 11.32
N PHE B 5 18.25 -14.44 12.14
CA PHE B 5 17.42 -13.18 12.04
C PHE B 5 17.34 -12.51 13.41
N VAL B 6 18.16 -12.93 14.32
CA VAL B 6 18.08 -12.37 15.70
C VAL B 6 18.11 -10.85 15.68
N TYR B 7 16.94 -10.28 15.53
CA TYR B 7 16.82 -8.80 15.49
C TYR B 7 15.37 -8.39 15.79
N THR B 8 15.09 -7.11 15.69
CA THR B 8 13.71 -6.62 15.95
C THR B 8 13.31 -5.54 14.96
N CYS B 9 12.03 -5.26 14.92
CA CYS B 9 11.49 -4.22 13.98
C CYS B 9 10.81 -3.10 14.77
N ASN B 10 11.25 -1.90 14.53
CA ASN B 10 10.76 -0.72 15.26
C ASN B 10 9.50 -0.14 14.63
N GLU B 11 8.99 -0.78 13.62
CA GLU B 11 7.75 -0.25 12.97
C GLU B 11 6.51 -0.85 13.66
N CYS B 12 6.57 -2.11 14.05
CA CYS B 12 5.39 -2.73 14.74
C CYS B 12 5.83 -3.42 16.04
N LYS B 13 7.11 -3.46 16.27
CA LYS B 13 7.67 -4.12 17.51
C LYS B 13 7.30 -5.61 17.53
N HIS B 14 7.46 -6.25 16.40
CA HIS B 14 7.15 -7.71 16.33
C HIS B 14 8.15 -8.42 15.43
N HIS B 15 9.34 -8.67 15.91
CA HIS B 15 10.34 -9.31 15.01
C HIS B 15 9.77 -10.59 14.44
N VAL B 16 10.21 -10.90 13.27
CA VAL B 16 9.70 -12.14 12.58
C VAL B 16 10.85 -12.81 11.83
N GLU B 17 11.06 -14.07 12.12
CA GLU B 17 12.15 -14.90 11.47
C GLU B 17 12.78 -14.23 10.23
N THR B 18 13.19 -12.99 10.36
CA THR B 18 13.79 -12.26 9.20
C THR B 18 14.02 -10.79 9.60
N ARG B 19 15.07 -10.17 9.11
CA ARG B 19 15.26 -8.71 9.43
C ARG B 19 16.09 -8.04 8.34
N TRP B 20 15.54 -7.00 7.77
CA TRP B 20 16.27 -6.24 6.71
C TRP B 20 16.62 -4.85 7.24
N HIS B 21 17.88 -4.49 7.12
CA HIS B 21 18.34 -3.17 7.62
C HIS B 21 18.64 -2.24 6.44
N CYS B 22 17.81 -1.25 6.26
CA CYS B 22 18.00 -0.29 5.13
C CYS B 22 19.18 0.64 5.45
N THR B 23 20.11 0.79 4.52
CA THR B 23 21.28 1.67 4.80
C THR B 23 20.89 3.12 4.57
N VAL B 24 20.61 3.49 3.34
CA VAL B 24 20.30 4.92 3.02
C VAL B 24 19.62 5.62 4.20
N CYS B 25 18.61 5.01 4.77
CA CYS B 25 17.87 5.66 5.89
C CYS B 25 18.60 5.43 7.22
N GLU B 26 19.46 4.46 7.25
CA GLU B 26 20.29 4.17 8.48
C GLU B 26 19.41 4.03 9.73
N ASP B 27 19.89 3.22 10.64
CA ASP B 27 19.15 3.00 11.92
C ASP B 27 17.69 2.71 11.61
N TYR B 28 17.47 2.18 10.44
CA TYR B 28 16.07 1.85 10.04
C TYR B 28 15.98 0.35 9.91
N ASP B 29 15.08 -0.26 10.66
CA ASP B 29 14.96 -1.76 10.60
C ASP B 29 13.51 -2.13 10.25
N LEU B 30 13.37 -3.10 9.37
CA LEU B 30 12.01 -3.53 8.92
C LEU B 30 11.85 -5.07 9.01
N CYS B 31 10.62 -5.49 9.28
CA CYS B 31 10.32 -6.97 9.36
C CYS B 31 9.62 -7.40 8.06
N ILE B 32 9.22 -8.65 7.99
CA ILE B 32 8.55 -9.18 6.76
C ILE B 32 7.17 -8.50 6.57
N ASN B 33 6.59 -8.07 7.66
CA ASN B 33 5.24 -7.42 7.59
C ASN B 33 5.34 -5.97 7.09
N CYS B 34 6.08 -5.16 7.79
CA CYS B 34 6.18 -3.72 7.41
C CYS B 34 6.78 -3.59 6.01
N TYR B 35 7.78 -4.38 5.75
CA TYR B 35 8.45 -4.37 4.41
C TYR B 35 7.46 -4.68 3.30
N ASN B 36 6.69 -5.72 3.48
CA ASN B 36 5.69 -6.11 2.44
C ASN B 36 4.59 -5.05 2.33
N THR B 37 4.15 -4.55 3.46
CA THR B 37 3.05 -3.54 3.44
C THR B 37 3.56 -2.17 3.01
N LYS B 38 4.60 -1.70 3.62
CA LYS B 38 5.15 -0.35 3.27
C LYS B 38 5.76 -0.38 1.87
N SER B 39 6.47 -1.43 1.54
CA SER B 39 7.13 -1.51 0.20
C SER B 39 8.39 -0.66 0.21
N HIS B 40 9.17 -0.80 1.25
CA HIS B 40 10.43 0.01 1.37
C HIS B 40 11.60 -0.80 0.79
N ALA B 41 12.00 -0.49 -0.42
CA ALA B 41 13.13 -1.29 -1.02
C ALA B 41 14.46 -0.82 -0.43
N HIS B 42 15.18 0.04 -1.12
CA HIS B 42 16.51 0.51 -0.64
C HIS B 42 17.40 -0.71 -0.41
N LYS B 43 18.49 -0.78 -1.12
CA LYS B 43 19.41 -1.97 -0.98
C LYS B 43 19.62 -2.32 0.48
N MET B 44 18.82 -3.23 0.97
CA MET B 44 18.94 -3.65 2.40
C MET B 44 19.91 -4.81 2.52
N VAL B 45 20.55 -4.89 3.66
CA VAL B 45 21.50 -6.01 3.91
C VAL B 45 20.96 -6.86 5.06
N LYS B 46 20.74 -8.12 4.79
CA LYS B 46 20.20 -9.02 5.86
C LYS B 46 21.25 -9.14 6.95
N TRP B 47 20.88 -8.79 8.16
CA TRP B 47 21.85 -8.89 9.30
C TRP B 47 21.33 -9.92 10.28
N GLY B 48 22.18 -10.80 10.68
CA GLY B 48 21.79 -11.85 11.65
C GLY B 48 23.02 -12.25 12.46
N LEU B 49 22.81 -13.01 13.50
CA LEU B 49 23.98 -13.43 14.34
C LEU B 49 23.56 -14.58 15.29
N GLY B 50 22.56 -15.35 14.90
CA GLY B 50 22.09 -16.48 15.80
C GLY B 50 22.34 -17.84 15.16
N LEU B 51 21.46 -18.77 15.47
CA LEU B 51 21.59 -20.16 14.94
C LEU B 51 20.50 -20.38 13.89
N ASP B 52 20.91 -20.76 12.69
CA ASP B 52 19.91 -20.98 11.60
C ASP B 52 19.47 -22.44 11.60
N ASP B 53 18.24 -22.66 11.99
CA ASP B 53 17.69 -24.05 12.02
C ASP B 53 16.38 -24.05 12.81
ZN ZN C . 7.32 -4.59 11.53
ZN ZN D . 15.31 3.28 3.12
N GLY A 1 24.56 26.18 1.71
CA GLY A 1 23.60 27.02 2.45
C GLY A 1 22.46 27.43 1.53
N SER A 2 22.78 27.71 0.28
CA SER A 2 21.76 28.11 -0.69
C SER A 2 20.89 26.91 -1.07
N MET A 3 19.71 27.20 -1.61
CA MET A 3 18.79 26.15 -2.01
C MET A 3 19.39 25.29 -3.13
N SER A 4 20.07 25.96 -4.05
CA SER A 4 20.70 25.27 -5.17
C SER A 4 22.04 25.90 -5.51
N ASP A 5 22.95 25.08 -6.01
CA ASP A 5 24.28 25.55 -6.37
C ASP A 5 24.19 26.60 -7.46
N GLN A 6 23.28 26.39 -8.41
CA GLN A 6 23.14 27.34 -9.50
C GLN A 6 22.80 28.73 -8.99
N GLU A 7 21.82 28.82 -8.09
CA GLU A 7 21.40 30.10 -7.52
C GLU A 7 20.12 29.94 -6.70
N ALA A 8 19.00 29.72 -7.40
CA ALA A 8 17.72 29.56 -6.73
C ALA A 8 16.79 28.64 -7.52
N LYS A 9 15.88 27.98 -6.82
CA LYS A 9 14.96 27.08 -7.49
C LYS A 9 13.79 27.85 -8.13
N PRO A 10 13.27 27.38 -9.23
CA PRO A 10 12.12 28.04 -9.92
C PRO A 10 10.85 28.04 -9.07
N SER A 11 10.74 27.06 -8.18
CA SER A 11 9.57 26.93 -7.33
C SER A 11 8.30 26.73 -8.16
N THR A 12 8.35 27.12 -9.45
CA THR A 12 7.22 26.96 -10.34
C THR A 12 6.88 25.49 -10.52
N GLU A 13 7.91 24.68 -10.73
CA GLU A 13 7.72 23.25 -10.93
C GLU A 13 7.11 22.61 -9.69
N ASP A 14 7.62 23.02 -8.52
CA ASP A 14 7.11 22.47 -7.26
C ASP A 14 6.00 23.37 -6.71
N LEU A 15 4.75 22.91 -6.85
CA LEU A 15 3.61 23.67 -6.34
C LEU A 15 2.96 22.95 -5.17
N GLY A 16 2.78 23.67 -4.07
CA GLY A 16 2.17 23.10 -2.88
C GLY A 16 3.17 22.26 -2.10
N ASP A 17 2.72 21.69 -0.99
CA ASP A 17 3.58 20.84 -0.16
C ASP A 17 2.79 19.71 0.46
N LYS A 18 2.88 18.53 -0.13
CA LYS A 18 2.16 17.36 0.39
C LYS A 18 3.11 16.17 0.53
N LYS A 19 2.90 15.38 1.57
CA LYS A 19 3.74 14.20 1.80
C LYS A 19 3.61 13.22 0.65
N GLU A 20 2.38 12.96 0.22
CA GLU A 20 2.14 12.03 -0.87
C GLU A 20 2.89 10.74 -0.64
N GLY A 21 3.10 10.39 0.63
CA GLY A 21 3.81 9.16 0.98
C GLY A 21 2.93 8.23 1.79
N GLU A 22 2.54 8.68 2.98
CA GLU A 22 1.70 7.88 3.85
C GLU A 22 0.35 7.59 3.19
N TYR A 23 -0.20 8.63 2.53
CA TYR A 23 -1.50 8.50 1.86
C TYR A 23 -1.29 8.14 0.39
N ILE A 24 -2.29 7.50 -0.23
CA ILE A 24 -2.19 7.09 -1.63
C ILE A 24 -3.46 7.48 -2.36
N LYS A 25 -3.44 7.40 -3.68
CA LYS A 25 -4.63 7.74 -4.45
C LYS A 25 -5.32 6.49 -4.93
N LEU A 26 -6.33 6.03 -4.17
CA LEU A 26 -7.09 4.86 -4.55
C LEU A 26 -8.51 5.24 -4.94
N LYS A 27 -8.90 4.80 -6.12
CA LYS A 27 -10.22 5.10 -6.67
C LYS A 27 -10.82 3.92 -7.42
N VAL A 28 -12.11 4.03 -7.71
CA VAL A 28 -12.81 2.97 -8.42
C VAL A 28 -13.68 3.54 -9.54
N ILE A 29 -13.90 2.75 -10.57
CA ILE A 29 -14.72 3.18 -11.70
C ILE A 29 -15.48 1.99 -12.31
N GLY A 30 -16.69 1.74 -11.84
CA GLY A 30 -17.50 0.65 -12.36
C GLY A 30 -17.96 0.97 -13.77
N GLN A 31 -18.38 -0.06 -14.48
CA GLN A 31 -18.85 0.07 -15.84
C GLN A 31 -20.09 0.97 -15.89
N ASP A 32 -20.94 0.85 -14.88
CA ASP A 32 -22.18 1.61 -14.87
C ASP A 32 -21.92 3.10 -15.07
N SER A 33 -21.03 3.67 -14.26
CA SER A 33 -20.66 5.09 -14.36
C SER A 33 -20.29 5.67 -13.00
N SER A 34 -19.24 5.14 -12.38
CA SER A 34 -18.81 5.61 -11.07
C SER A 34 -17.47 6.33 -11.19
N GLU A 35 -17.35 7.46 -10.50
CA GLU A 35 -16.10 8.22 -10.53
C GLU A 35 -15.82 8.77 -9.14
N ILE A 36 -14.86 8.17 -8.45
CA ILE A 36 -14.50 8.62 -7.10
C ILE A 36 -13.02 8.94 -7.03
N HIS A 37 -12.68 10.13 -6.54
CA HIS A 37 -11.28 10.51 -6.42
C HIS A 37 -10.94 10.98 -5.02
N PHE A 38 -10.25 10.14 -4.25
CA PHE A 38 -9.87 10.51 -2.89
C PHE A 38 -8.66 9.69 -2.46
N LYS A 39 -7.98 10.15 -1.42
CA LYS A 39 -6.82 9.45 -0.91
C LYS A 39 -7.06 8.80 0.45
N VAL A 40 -6.51 7.59 0.62
CA VAL A 40 -6.68 6.83 1.86
C VAL A 40 -5.32 6.38 2.37
N LYS A 41 -5.18 6.36 3.69
CA LYS A 41 -3.94 5.96 4.33
C LYS A 41 -3.63 4.51 4.05
N MET A 42 -2.35 4.22 3.82
CA MET A 42 -1.92 2.86 3.54
C MET A 42 -1.25 2.25 4.78
N THR A 43 -2.06 1.73 5.69
CA THR A 43 -1.54 1.12 6.91
C THR A 43 -2.48 0.03 7.40
N THR A 44 -3.54 -0.20 6.65
CA THR A 44 -4.50 -1.24 7.00
C THR A 44 -5.05 -1.95 5.77
N HIS A 45 -5.44 -3.22 5.95
CA HIS A 45 -5.98 -4.03 4.85
C HIS A 45 -6.83 -3.13 3.95
N LEU A 46 -6.69 -3.32 2.65
CA LEU A 46 -7.43 -2.51 1.68
C LEU A 46 -8.92 -2.51 2.03
N LYS A 47 -9.29 -3.36 2.98
CA LYS A 47 -10.68 -3.49 3.38
C LYS A 47 -11.20 -2.18 3.94
N LYS A 48 -10.37 -1.53 4.74
CA LYS A 48 -10.75 -0.27 5.35
C LYS A 48 -10.93 0.80 4.30
N LEU A 49 -10.95 0.38 3.04
CA LEU A 49 -11.16 1.33 1.98
C LEU A 49 -12.43 0.99 1.22
N LYS A 50 -12.49 -0.20 0.63
CA LYS A 50 -13.65 -0.61 -0.13
C LYS A 50 -14.84 -0.86 0.79
N GLU A 51 -14.55 -1.11 2.05
CA GLU A 51 -15.62 -1.38 3.02
C GLU A 51 -16.52 -0.15 3.15
N SER A 52 -15.91 1.03 3.19
CA SER A 52 -16.68 2.26 3.28
C SER A 52 -17.46 2.51 2.00
N TYR A 53 -16.78 2.35 0.88
CA TYR A 53 -17.39 2.53 -0.42
C TYR A 53 -18.49 1.49 -0.63
N CYS A 54 -18.15 0.24 -0.32
CA CYS A 54 -19.08 -0.86 -0.52
C CYS A 54 -20.32 -0.75 0.38
N GLN A 55 -20.10 -0.45 1.64
CA GLN A 55 -21.20 -0.33 2.58
C GLN A 55 -22.08 0.87 2.27
N ARG A 56 -21.45 1.98 1.89
CA ARG A 56 -22.19 3.20 1.63
C ARG A 56 -22.90 3.08 0.27
N GLN A 57 -22.60 2.01 -0.46
CA GLN A 57 -23.23 1.78 -1.77
C GLN A 57 -23.80 0.37 -1.86
N GLY A 58 -22.89 -0.61 -1.94
CA GLY A 58 -23.32 -2.01 -2.03
C GLY A 58 -22.19 -2.95 -1.63
N VAL A 59 -22.53 -4.17 -1.29
CA VAL A 59 -21.51 -5.12 -0.90
C VAL A 59 -21.06 -5.94 -2.11
N PRO A 60 -19.78 -6.20 -2.27
CA PRO A 60 -19.24 -7.03 -3.40
C PRO A 60 -19.67 -8.46 -3.34
N MET A 61 -20.14 -8.87 -2.18
CA MET A 61 -20.56 -10.24 -2.00
C MET A 61 -21.84 -10.54 -2.79
N ASN A 62 -21.77 -10.36 -4.11
CA ASN A 62 -22.92 -10.63 -4.96
C ASN A 62 -22.60 -10.27 -6.41
N SER A 63 -22.79 -9.00 -6.75
CA SER A 63 -22.52 -8.52 -8.11
C SER A 63 -21.21 -7.74 -8.19
N LEU A 64 -21.08 -6.74 -7.32
CA LEU A 64 -19.88 -5.91 -7.30
C LEU A 64 -18.64 -6.75 -6.99
N ARG A 65 -17.57 -6.42 -7.69
CA ARG A 65 -16.30 -7.14 -7.55
C ARG A 65 -15.12 -6.18 -7.52
N PHE A 66 -14.12 -6.51 -6.73
CA PHE A 66 -12.91 -5.70 -6.64
C PHE A 66 -11.71 -6.43 -7.23
N LEU A 67 -11.19 -5.95 -8.35
CA LEU A 67 -10.04 -6.59 -8.96
C LEU A 67 -8.81 -5.71 -8.74
N PHE A 68 -7.93 -6.16 -7.87
CA PHE A 68 -6.73 -5.39 -7.53
C PHE A 68 -5.84 -5.23 -8.76
N GLU A 69 -5.67 -6.31 -9.52
CA GLU A 69 -4.84 -6.29 -10.71
C GLU A 69 -5.46 -7.14 -11.83
N GLY A 70 -5.25 -8.46 -11.73
CA GLY A 70 -5.77 -9.40 -12.70
C GLY A 70 -6.30 -10.65 -12.02
N GLN A 71 -6.86 -10.48 -10.81
CA GLN A 71 -7.39 -11.60 -10.06
C GLN A 71 -8.23 -11.11 -8.88
N ARG A 72 -8.57 -12.03 -7.99
CA ARG A 72 -9.35 -11.68 -6.81
C ARG A 72 -8.54 -11.92 -5.55
N ILE A 73 -8.66 -11.00 -4.59
CA ILE A 73 -7.93 -11.10 -3.33
C ILE A 73 -8.87 -10.99 -2.13
N ALA A 74 -8.45 -11.54 -1.00
CA ALA A 74 -9.25 -11.48 0.22
C ALA A 74 -9.11 -10.11 0.88
N ASP A 75 -10.07 -9.79 1.74
CA ASP A 75 -10.08 -8.51 2.44
C ASP A 75 -9.57 -8.65 3.87
N ASN A 76 -8.88 -9.75 4.14
CA ASN A 76 -8.33 -10.01 5.48
C ASN A 76 -6.81 -9.98 5.49
N HIS A 77 -6.24 -9.39 4.45
CA HIS A 77 -4.78 -9.30 4.35
C HIS A 77 -4.35 -7.94 3.81
N THR A 78 -3.12 -7.56 4.14
CA THR A 78 -2.56 -6.29 3.69
C THR A 78 -1.18 -6.50 3.07
N PRO A 79 -0.35 -7.35 3.64
CA PRO A 79 1.03 -7.61 3.14
C PRO A 79 1.07 -8.70 2.08
N LYS A 80 -0.10 -9.21 1.71
CA LYS A 80 -0.17 -10.24 0.69
C LYS A 80 0.35 -9.74 -0.65
N GLU A 81 -0.11 -8.56 -1.04
CA GLU A 81 0.32 -7.96 -2.30
C GLU A 81 0.36 -6.44 -2.23
N LEU A 82 -0.83 -5.86 -2.04
CA LEU A 82 -1.02 -4.40 -1.95
C LEU A 82 0.33 -3.73 -2.23
N GLY A 83 0.94 -3.07 -1.23
CA GLY A 83 2.25 -2.46 -1.43
C GLY A 83 2.20 -1.36 -2.48
N MET A 84 1.14 -0.57 -2.44
CA MET A 84 0.97 0.50 -3.41
C MET A 84 1.76 1.73 -2.99
N GLU A 85 2.15 2.54 -3.95
CA GLU A 85 2.92 3.75 -3.65
C GLU A 85 2.01 4.98 -3.61
N GLU A 86 1.22 5.17 -4.66
CA GLU A 86 0.33 6.32 -4.71
C GLU A 86 -0.80 6.07 -5.70
N GLU A 87 -0.44 5.71 -6.93
CA GLU A 87 -1.43 5.47 -7.96
C GLU A 87 -2.01 4.06 -7.85
N ASP A 88 -3.01 3.93 -6.98
CA ASP A 88 -3.65 2.64 -6.79
C ASP A 88 -5.01 2.63 -7.51
N VAL A 89 -5.16 1.75 -8.48
CA VAL A 89 -6.42 1.68 -9.24
C VAL A 89 -7.05 0.29 -9.14
N ILE A 90 -8.33 0.26 -8.80
CA ILE A 90 -9.09 -0.99 -8.70
C ILE A 90 -10.30 -0.98 -9.62
N GLU A 91 -10.42 -2.02 -10.43
CA GLU A 91 -11.54 -2.15 -11.35
C GLU A 91 -12.66 -2.96 -10.73
N VAL A 92 -13.89 -2.55 -11.01
CA VAL A 92 -15.04 -3.27 -10.48
C VAL A 92 -16.07 -3.50 -11.57
N TYR A 93 -16.91 -4.52 -11.38
CA TYR A 93 -17.96 -4.82 -12.35
C TYR A 93 -19.31 -4.85 -11.67
N GLN A 94 -20.31 -4.22 -12.29
CA GLN A 94 -21.64 -4.19 -11.73
C GLN A 94 -22.65 -4.83 -12.68
N GLU A 95 -23.00 -6.08 -12.38
CA GLU A 95 -23.98 -6.81 -13.20
C GLU A 95 -25.35 -6.15 -13.12
N GLN A 96 -25.71 -5.68 -11.94
CA GLN A 96 -26.99 -5.04 -11.71
C GLN A 96 -26.87 -3.87 -10.74
N THR A 97 -27.78 -2.92 -10.85
CA THR A 97 -27.76 -1.76 -9.97
C THR A 97 -28.15 -2.16 -8.54
N GLY A 98 -28.89 -3.26 -8.43
CA GLY A 98 -29.33 -3.74 -7.12
C GLY A 98 -30.57 -3.00 -6.65
N GLY A 99 -31.11 -2.14 -7.51
CA GLY A 99 -32.30 -1.38 -7.18
C GLY A 99 -32.85 -0.68 -8.41
N HIS A 100 -33.99 0.00 -8.25
CA HIS A 100 -34.60 0.71 -9.37
C HIS A 100 -34.92 -0.24 -10.52
N SER A 101 -33.89 -0.71 -11.21
CA SER A 101 -34.07 -1.62 -12.33
C SER A 101 -34.56 -2.97 -11.83
N THR A 102 -35.38 -3.62 -12.64
CA THR A 102 -35.92 -4.93 -12.28
C THR A 102 -34.81 -5.97 -12.23
N VAL A 103 -33.84 -5.84 -13.15
CA VAL A 103 -32.73 -6.79 -13.20
C VAL A 103 -31.48 -6.16 -12.61
N GLY B 1 25.90 -12.66 3.05
CA GLY B 1 25.70 -14.00 3.66
C GLY B 1 24.24 -14.18 4.08
N GLN B 2 23.92 -15.37 4.50
CA GLN B 2 22.52 -15.66 4.95
C GLN B 2 22.57 -16.40 6.28
N ASP B 3 21.73 -16.00 7.21
CA ASP B 3 21.71 -16.67 8.54
C ASP B 3 20.29 -16.69 9.09
N ARG B 4 20.18 -16.79 10.40
CA ARG B 4 18.81 -16.84 11.04
C ARG B 4 18.16 -15.44 10.93
N PHE B 5 17.18 -15.19 11.77
CA PHE B 5 16.48 -13.84 11.73
C PHE B 5 16.48 -13.21 13.12
N VAL B 6 17.27 -13.76 14.02
CA VAL B 6 17.26 -13.25 15.42
C VAL B 6 17.44 -11.74 15.45
N TYR B 7 16.34 -11.05 15.34
CA TYR B 7 16.37 -9.56 15.35
C TYR B 7 14.99 -9.01 15.69
N THR B 8 14.84 -7.71 15.65
CA THR B 8 13.52 -7.09 15.94
C THR B 8 13.23 -5.93 15.00
N CYS B 9 11.98 -5.52 14.98
CA CYS B 9 11.54 -4.39 14.09
C CYS B 9 10.99 -3.25 14.93
N ASN B 10 11.55 -2.09 14.72
CA ASN B 10 11.19 -0.88 15.52
C ASN B 10 9.99 -0.15 14.91
N GLU B 11 9.41 -0.70 13.89
CA GLU B 11 8.23 -0.03 13.28
C GLU B 11 6.94 -0.51 13.96
N CYS B 12 6.87 -1.78 14.31
CA CYS B 12 5.64 -2.32 14.98
C CYS B 12 6.02 -3.09 16.25
N LYS B 13 7.30 -3.27 16.46
CA LYS B 13 7.78 -4.03 17.68
C LYS B 13 7.28 -5.48 17.64
N HIS B 14 7.33 -6.08 16.49
CA HIS B 14 6.88 -7.50 16.37
C HIS B 14 7.80 -8.28 15.42
N HIS B 15 8.95 -8.68 15.87
CA HIS B 15 9.87 -9.37 14.94
C HIS B 15 9.17 -10.57 14.33
N VAL B 16 9.55 -10.87 13.13
CA VAL B 16 8.92 -12.02 12.42
C VAL B 16 9.98 -12.78 11.62
N GLU B 17 10.07 -14.07 11.86
CA GLU B 17 11.07 -14.98 11.16
C GLU B 17 11.74 -14.34 9.94
N THR B 18 12.28 -13.15 10.11
CA THR B 18 12.94 -12.44 8.98
C THR B 18 13.32 -11.03 9.42
N ARG B 19 14.43 -10.49 8.95
CA ARG B 19 14.77 -9.07 9.33
C ARG B 19 15.67 -8.45 8.26
N TRP B 20 15.23 -7.34 7.73
CA TRP B 20 16.02 -6.63 6.69
C TRP B 20 16.52 -5.30 7.27
N HIS B 21 17.81 -5.07 7.14
CA HIS B 21 18.40 -3.80 7.70
C HIS B 21 18.79 -2.88 6.54
N CYS B 22 18.07 -1.80 6.41
CA CYS B 22 18.36 -0.82 5.31
C CYS B 22 19.63 -0.04 5.65
N THR B 23 20.56 0.05 4.72
CA THR B 23 21.82 0.79 5.01
C THR B 23 21.58 2.28 4.85
N VAL B 24 21.33 2.72 3.64
CA VAL B 24 21.17 4.19 3.37
C VAL B 24 20.57 4.92 4.59
N CYS B 25 19.50 4.39 5.14
CA CYS B 25 18.84 5.07 6.31
C CYS B 25 19.56 4.73 7.62
N GLU B 26 20.32 3.67 7.59
CA GLU B 26 21.12 3.24 8.80
C GLU B 26 20.25 3.14 10.06
N ASP B 27 20.64 2.25 10.93
CA ASP B 27 19.90 2.06 12.21
C ASP B 27 18.42 1.94 11.90
N TYR B 28 18.12 1.48 10.73
CA TYR B 28 16.69 1.32 10.33
C TYR B 28 16.44 -0.17 10.14
N ASP B 29 15.50 -0.71 10.88
CA ASP B 29 15.21 -2.18 10.76
C ASP B 29 13.74 -2.38 10.42
N LEU B 30 13.49 -3.30 9.51
CA LEU B 30 12.09 -3.57 9.06
C LEU B 30 11.75 -5.07 9.08
N CYS B 31 10.50 -5.38 9.36
CA CYS B 31 10.04 -6.83 9.39
C CYS B 31 9.30 -7.13 8.08
N ILE B 32 8.76 -8.32 7.97
CA ILE B 32 8.03 -8.73 6.72
C ILE B 32 6.73 -7.92 6.58
N ASN B 33 6.21 -7.47 7.69
CA ASN B 33 4.94 -6.66 7.67
C ASN B 33 5.19 -5.22 7.22
N CYS B 34 6.02 -4.52 7.94
CA CYS B 34 6.26 -3.08 7.61
C CYS B 34 6.85 -2.97 6.20
N TYR B 35 7.76 -3.85 5.91
CA TYR B 35 8.41 -3.85 4.57
C TYR B 35 7.39 -4.02 3.45
N ASN B 36 6.52 -4.98 3.60
CA ASN B 36 5.48 -5.22 2.56
C ASN B 36 4.49 -4.04 2.50
N THR B 37 4.11 -3.54 3.65
CA THR B 37 3.12 -2.43 3.69
C THR B 37 3.77 -1.09 3.30
N LYS B 38 4.87 -0.77 3.93
CA LYS B 38 5.55 0.53 3.62
C LYS B 38 6.14 0.50 2.21
N SER B 39 6.74 -0.62 1.83
CA SER B 39 7.36 -0.71 0.48
C SER B 39 8.72 0.00 0.50
N HIS B 40 9.48 -0.25 1.53
CA HIS B 40 10.82 0.41 1.67
C HIS B 40 11.89 -0.48 1.04
N ALA B 41 12.32 -0.18 -0.17
CA ALA B 41 13.35 -1.06 -0.80
C ALA B 41 14.73 -0.77 -0.21
N HIS B 42 15.52 0.05 -0.88
CA HIS B 42 16.90 0.36 -0.41
C HIS B 42 17.67 -0.96 -0.23
N LYS B 43 18.74 -1.12 -0.97
CA LYS B 43 19.51 -2.40 -0.88
C LYS B 43 19.70 -2.83 0.57
N MET B 44 18.82 -3.66 1.03
CA MET B 44 18.91 -4.15 2.44
C MET B 44 19.76 -5.41 2.51
N VAL B 45 20.39 -5.60 3.64
CA VAL B 45 21.22 -6.82 3.83
C VAL B 45 20.60 -7.66 4.95
N LYS B 46 20.24 -8.88 4.65
CA LYS B 46 19.63 -9.76 5.68
C LYS B 46 20.68 -10.02 6.75
N TRP B 47 20.36 -9.69 7.98
CA TRP B 47 21.30 -9.93 9.10
C TRP B 47 20.69 -10.94 10.05
N GLY B 48 21.46 -11.92 10.41
CA GLY B 48 20.96 -12.96 11.34
C GLY B 48 22.15 -13.52 12.12
N LEU B 49 21.88 -14.29 13.13
CA LEU B 49 22.99 -14.87 13.94
C LEU B 49 22.47 -15.99 14.85
N GLY B 50 21.39 -16.66 14.45
CA GLY B 50 20.82 -17.75 15.30
C GLY B 50 20.91 -19.11 14.61
N LEU B 51 19.94 -19.95 14.90
CA LEU B 51 19.92 -21.33 14.31
C LEU B 51 18.81 -21.40 13.27
N ASP B 52 19.16 -21.76 12.06
CA ASP B 52 18.13 -21.84 10.97
C ASP B 52 17.54 -23.25 10.92
N ASP B 53 16.30 -23.35 11.31
CA ASP B 53 15.61 -24.66 11.30
C ASP B 53 14.32 -24.56 12.11
ZN ZN C . 7.33 -4.23 11.69
ZN ZN D . 16.03 3.09 3.47
N GLY A 1 25.55 24.25 1.79
CA GLY A 1 24.61 25.17 2.49
C GLY A 1 23.50 25.59 1.54
N SER A 2 23.87 25.83 0.28
CA SER A 2 22.89 26.24 -0.73
C SER A 2 21.97 25.09 -1.08
N MET A 3 20.81 25.40 -1.67
CA MET A 3 19.85 24.39 -2.05
C MET A 3 20.44 23.48 -3.13
N SER A 4 21.17 24.09 -4.07
CA SER A 4 21.78 23.35 -5.15
C SER A 4 23.17 23.91 -5.48
N ASP A 5 24.05 23.03 -5.93
CA ASP A 5 25.40 23.43 -6.28
C ASP A 5 25.38 24.46 -7.39
N GLN A 6 24.48 24.27 -8.36
CA GLN A 6 24.41 25.19 -9.48
C GLN A 6 24.13 26.61 -9.01
N GLU A 7 23.13 26.76 -8.13
CA GLU A 7 22.77 28.07 -7.61
C GLU A 7 21.46 27.99 -6.82
N ALA A 8 20.34 27.80 -7.53
CA ALA A 8 19.04 27.72 -6.89
C ALA A 8 18.10 26.83 -7.68
N LYS A 9 17.15 26.22 -6.98
CA LYS A 9 16.19 25.35 -7.65
C LYS A 9 15.08 26.16 -8.33
N PRO A 10 14.55 25.68 -9.43
CA PRO A 10 13.46 26.38 -10.16
C PRO A 10 12.17 26.47 -9.35
N SER A 11 11.99 25.52 -8.43
CA SER A 11 10.80 25.46 -7.60
C SER A 11 9.53 25.29 -8.46
N THR A 12 9.63 25.65 -9.74
CA THR A 12 8.51 25.52 -10.65
C THR A 12 8.11 24.06 -10.81
N GLU A 13 9.11 23.20 -10.98
CA GLU A 13 8.85 21.77 -11.15
C GLU A 13 8.20 21.19 -9.91
N ASP A 14 8.69 21.60 -8.74
CA ASP A 14 8.13 21.12 -7.48
C ASP A 14 7.05 22.07 -6.98
N LEU A 15 5.79 21.67 -7.12
CA LEU A 15 4.68 22.50 -6.67
C LEU A 15 3.96 21.84 -5.49
N GLY A 16 3.79 22.59 -4.41
CA GLY A 16 3.13 22.08 -3.23
C GLY A 16 4.08 21.21 -2.41
N ASP A 17 3.57 20.70 -1.29
CA ASP A 17 4.38 19.84 -0.43
C ASP A 17 3.52 18.76 0.21
N LYS A 18 3.57 17.55 -0.35
CA LYS A 18 2.80 16.43 0.19
C LYS A 18 3.68 15.21 0.38
N LYS A 19 3.42 14.46 1.43
CA LYS A 19 4.19 13.25 1.71
C LYS A 19 4.04 12.25 0.58
N GLU A 20 2.81 12.03 0.13
CA GLU A 20 2.54 11.09 -0.94
C GLU A 20 3.24 9.76 -0.66
N GLY A 21 3.40 9.44 0.61
CA GLY A 21 4.05 8.19 1.02
C GLY A 21 3.11 7.32 1.84
N GLU A 22 2.71 7.82 3.00
CA GLU A 22 1.82 7.08 3.87
C GLU A 22 0.47 6.84 3.17
N TYR A 23 -0.02 7.87 2.49
CA TYR A 23 -1.31 7.79 1.78
C TYR A 23 -1.09 7.38 0.34
N ILE A 24 -2.10 6.78 -0.29
CA ILE A 24 -1.98 6.32 -1.67
C ILE A 24 -3.22 6.76 -2.44
N LYS A 25 -3.17 6.65 -3.76
CA LYS A 25 -4.33 7.01 -4.57
C LYS A 25 -5.07 5.78 -5.03
N LEU A 26 -6.12 5.40 -4.28
CA LEU A 26 -6.93 4.25 -4.64
C LEU A 26 -8.32 4.68 -5.07
N LYS A 27 -8.71 4.23 -6.26
CA LYS A 27 -9.99 4.57 -6.84
C LYS A 27 -10.63 3.40 -7.58
N VAL A 28 -11.91 3.57 -7.89
CA VAL A 28 -12.64 2.52 -8.61
C VAL A 28 -13.46 3.11 -9.75
N ILE A 29 -13.68 2.30 -10.77
CA ILE A 29 -14.46 2.73 -11.93
C ILE A 29 -15.27 1.56 -12.52
N GLY A 30 -16.50 1.39 -12.07
CA GLY A 30 -17.34 0.32 -12.59
C GLY A 30 -17.75 0.62 -14.02
N GLN A 31 -18.21 -0.42 -14.70
CA GLN A 31 -18.65 -0.29 -16.08
C GLN A 31 -19.83 0.66 -16.17
N ASP A 32 -20.72 0.60 -15.18
CA ASP A 32 -21.92 1.43 -15.22
C ASP A 32 -21.58 2.89 -15.45
N SER A 33 -20.68 3.44 -14.64
CA SER A 33 -20.26 4.85 -14.76
C SER A 33 -19.89 5.44 -13.41
N SER A 34 -18.88 4.88 -12.76
CA SER A 34 -18.45 5.36 -11.45
C SER A 34 -17.08 6.02 -11.56
N GLU A 35 -16.92 7.15 -10.89
CA GLU A 35 -15.65 7.86 -10.91
C GLU A 35 -15.36 8.44 -9.54
N ILE A 36 -14.44 7.80 -8.80
CA ILE A 36 -14.09 8.27 -7.46
C ILE A 36 -12.60 8.52 -7.36
N HIS A 37 -12.22 9.71 -6.90
CA HIS A 37 -10.80 10.04 -6.76
C HIS A 37 -10.48 10.52 -5.36
N PHE A 38 -9.84 9.67 -4.55
CA PHE A 38 -9.47 10.06 -3.20
C PHE A 38 -8.32 9.20 -2.72
N LYS A 39 -7.64 9.66 -1.68
CA LYS A 39 -6.52 8.92 -1.12
C LYS A 39 -6.81 8.31 0.26
N VAL A 40 -6.34 7.08 0.46
CA VAL A 40 -6.56 6.37 1.71
C VAL A 40 -5.23 5.87 2.28
N LYS A 41 -5.13 5.88 3.59
CA LYS A 41 -3.92 5.44 4.27
C LYS A 41 -3.67 3.95 4.04
N MET A 42 -2.39 3.61 3.84
CA MET A 42 -2.02 2.22 3.60
C MET A 42 -1.40 1.62 4.87
N THR A 43 -2.27 1.16 5.77
CA THR A 43 -1.80 0.55 7.02
C THR A 43 -2.79 -0.48 7.52
N THR A 44 -3.85 -0.67 6.75
CA THR A 44 -4.86 -1.66 7.11
C THR A 44 -5.43 -2.38 5.88
N HIS A 45 -5.87 -3.63 6.09
CA HIS A 45 -6.42 -4.43 5.00
C HIS A 45 -7.21 -3.52 4.05
N LEU A 46 -7.05 -3.75 2.77
CA LEU A 46 -7.73 -2.94 1.76
C LEU A 46 -9.22 -2.85 2.07
N LYS A 47 -9.66 -3.66 3.03
CA LYS A 47 -11.06 -3.72 3.40
C LYS A 47 -11.53 -2.38 3.92
N LYS A 48 -10.70 -1.75 4.72
CA LYS A 48 -11.03 -0.46 5.29
C LYS A 48 -11.13 0.59 4.22
N LEU A 49 -11.15 0.15 2.97
CA LEU A 49 -11.29 1.07 1.87
C LEU A 49 -12.56 0.78 1.09
N LYS A 50 -12.65 -0.42 0.53
CA LYS A 50 -13.82 -0.80 -0.23
C LYS A 50 -15.04 -0.97 0.65
N GLU A 51 -14.79 -1.21 1.94
CA GLU A 51 -15.89 -1.39 2.88
C GLU A 51 -16.73 -0.12 2.96
N SER A 52 -16.07 1.03 2.98
CA SER A 52 -16.79 2.30 3.03
C SER A 52 -17.53 2.55 1.73
N TYR A 53 -16.83 2.32 0.62
CA TYR A 53 -17.41 2.50 -0.69
C TYR A 53 -18.54 1.50 -0.90
N CYS A 54 -18.27 0.25 -0.56
CA CYS A 54 -19.25 -0.81 -0.75
C CYS A 54 -20.49 -0.62 0.11
N GLN A 55 -20.29 -0.29 1.38
CA GLN A 55 -21.41 -0.11 2.28
C GLN A 55 -22.22 1.13 1.93
N ARG A 56 -21.53 2.20 1.55
CA ARG A 56 -22.21 3.44 1.22
C ARG A 56 -22.89 3.32 -0.14
N GLN A 57 -22.63 2.21 -0.84
CA GLN A 57 -23.25 1.98 -2.15
C GLN A 57 -23.87 0.59 -2.23
N GLY A 58 -23.02 -0.42 -2.26
CA GLY A 58 -23.49 -1.80 -2.32
C GLY A 58 -22.42 -2.78 -1.88
N VAL A 59 -22.83 -3.99 -1.51
CA VAL A 59 -21.86 -4.97 -1.08
C VAL A 59 -21.43 -5.83 -2.25
N PRO A 60 -20.15 -6.16 -2.38
CA PRO A 60 -19.63 -7.03 -3.48
C PRO A 60 -20.13 -8.45 -3.39
N MET A 61 -20.63 -8.79 -2.23
CA MET A 61 -21.12 -10.14 -2.03
C MET A 61 -22.39 -10.40 -2.84
N ASN A 62 -22.30 -10.27 -4.16
CA ASN A 62 -23.44 -10.51 -5.03
C ASN A 62 -23.07 -10.20 -6.48
N SER A 63 -23.20 -8.93 -6.86
CA SER A 63 -22.88 -8.50 -8.22
C SER A 63 -21.53 -7.79 -8.28
N LEU A 64 -21.36 -6.77 -7.43
CA LEU A 64 -20.13 -5.99 -7.41
C LEU A 64 -18.94 -6.88 -7.05
N ARG A 65 -17.84 -6.62 -7.74
CA ARG A 65 -16.61 -7.39 -7.56
C ARG A 65 -15.40 -6.49 -7.52
N PHE A 66 -14.42 -6.85 -6.70
CA PHE A 66 -13.18 -6.08 -6.61
C PHE A 66 -12.01 -6.88 -7.15
N LEU A 67 -11.42 -6.45 -8.27
CA LEU A 67 -10.31 -7.17 -8.83
C LEU A 67 -9.04 -6.33 -8.60
N PHE A 68 -8.19 -6.80 -7.72
CA PHE A 68 -6.98 -6.08 -7.37
C PHE A 68 -6.05 -5.99 -8.58
N GLU A 69 -5.91 -7.10 -9.30
CA GLU A 69 -5.06 -7.15 -10.48
C GLU A 69 -5.69 -8.01 -11.57
N GLY A 70 -5.54 -9.32 -11.45
CA GLY A 70 -6.08 -10.26 -12.42
C GLY A 70 -6.69 -11.48 -11.70
N GLN A 71 -7.27 -11.24 -10.53
CA GLN A 71 -7.86 -12.31 -9.75
C GLN A 71 -8.70 -11.77 -8.60
N ARG A 72 -9.11 -12.64 -7.69
CA ARG A 72 -9.90 -12.23 -6.54
C ARG A 72 -9.12 -12.47 -5.25
N ILE A 73 -9.23 -11.52 -4.32
CA ILE A 73 -8.53 -11.62 -3.04
C ILE A 73 -9.48 -11.44 -1.87
N ALA A 74 -9.11 -11.97 -0.71
CA ALA A 74 -9.92 -11.85 0.48
C ALA A 74 -9.75 -10.47 1.11
N ASP A 75 -10.70 -10.09 1.94
CA ASP A 75 -10.67 -8.77 2.59
C ASP A 75 -10.20 -8.91 4.05
N ASN A 76 -9.56 -10.03 4.36
CA ASN A 76 -9.06 -10.28 5.72
C ASN A 76 -7.54 -10.32 5.77
N HIS A 77 -6.92 -9.78 4.72
CA HIS A 77 -5.47 -9.77 4.65
C HIS A 77 -4.96 -8.45 4.09
N THR A 78 -3.71 -8.12 4.44
CA THR A 78 -3.09 -6.88 3.98
C THR A 78 -1.70 -7.17 3.38
N PRO A 79 -0.93 -8.04 4.00
CA PRO A 79 0.45 -8.37 3.53
C PRO A 79 0.46 -9.50 2.50
N LYS A 80 -0.73 -9.95 2.12
CA LYS A 80 -0.83 -11.01 1.12
C LYS A 80 -0.25 -10.56 -0.21
N GLU A 81 -0.64 -9.38 -0.65
CA GLU A 81 -0.16 -8.84 -1.92
C GLU A 81 -0.05 -7.31 -1.88
N LEU A 82 -1.22 -6.68 -1.73
CA LEU A 82 -1.34 -5.20 -1.69
C LEU A 82 0.05 -4.61 -1.95
N GLY A 83 0.66 -3.95 -0.95
CA GLY A 83 2.00 -3.41 -1.13
C GLY A 83 2.03 -2.33 -2.21
N MET A 84 1.00 -1.49 -2.21
CA MET A 84 0.90 -0.44 -3.22
C MET A 84 1.75 0.76 -2.80
N GLU A 85 2.20 1.53 -3.78
CA GLU A 85 3.00 2.71 -3.50
C GLU A 85 2.16 3.98 -3.50
N GLU A 86 1.40 4.18 -4.57
CA GLU A 86 0.56 5.37 -4.68
C GLU A 86 -0.55 5.14 -5.69
N GLU A 87 -0.18 4.73 -6.90
CA GLU A 87 -1.16 4.51 -7.95
C GLU A 87 -1.82 3.14 -7.81
N ASP A 88 -2.83 3.06 -6.96
CA ASP A 88 -3.55 1.82 -6.75
C ASP A 88 -4.87 1.85 -7.50
N VAL A 89 -5.06 0.95 -8.45
CA VAL A 89 -6.29 0.91 -9.24
C VAL A 89 -6.99 -0.44 -9.12
N ILE A 90 -8.28 -0.40 -8.81
CA ILE A 90 -9.10 -1.61 -8.69
C ILE A 90 -10.29 -1.56 -9.64
N GLU A 91 -10.44 -2.62 -10.42
CA GLU A 91 -11.55 -2.73 -11.37
C GLU A 91 -12.71 -3.47 -10.76
N VAL A 92 -13.92 -3.02 -11.08
CA VAL A 92 -15.11 -3.66 -10.55
C VAL A 92 -16.13 -3.88 -11.66
N TYR A 93 -17.02 -4.85 -11.46
CA TYR A 93 -18.06 -5.13 -12.45
C TYR A 93 -19.42 -5.08 -11.79
N GLN A 94 -20.37 -4.42 -12.47
CA GLN A 94 -21.72 -4.31 -11.93
C GLN A 94 -22.73 -4.94 -12.88
N GLU A 95 -23.16 -6.15 -12.56
CA GLU A 95 -24.14 -6.86 -13.37
C GLU A 95 -25.48 -6.14 -13.35
N GLN A 96 -25.84 -5.62 -12.18
CA GLN A 96 -27.10 -4.91 -12.02
C GLN A 96 -26.93 -3.73 -11.06
N THR A 97 -27.81 -2.74 -11.21
CA THR A 97 -27.76 -1.56 -10.36
C THR A 97 -28.19 -1.91 -8.94
N GLY A 98 -28.98 -2.97 -8.82
CA GLY A 98 -29.47 -3.40 -7.51
C GLY A 98 -30.70 -2.59 -7.09
N GLY A 99 -31.17 -1.72 -7.98
CA GLY A 99 -32.33 -0.90 -7.68
C GLY A 99 -32.82 -0.21 -8.95
N HIS A 100 -33.92 0.52 -8.83
CA HIS A 100 -34.49 1.23 -9.97
C HIS A 100 -34.82 0.27 -11.12
N SER A 101 -33.80 -0.26 -11.77
CA SER A 101 -33.99 -1.19 -12.86
C SER A 101 -34.56 -2.51 -12.34
N THR A 102 -35.40 -3.14 -13.16
CA THR A 102 -36.00 -4.41 -12.78
C THR A 102 -34.94 -5.50 -12.68
N VAL A 103 -33.95 -5.44 -13.57
CA VAL A 103 -32.88 -6.44 -13.59
C VAL A 103 -31.61 -5.86 -12.97
N GLY B 1 23.87 -12.80 0.52
CA GLY B 1 23.42 -14.18 0.86
C GLY B 1 21.97 -14.14 1.38
N GLN B 2 21.42 -15.31 1.57
CA GLN B 2 20.02 -15.40 2.07
C GLN B 2 19.97 -16.41 3.21
N ASP B 3 19.28 -16.07 4.27
CA ASP B 3 19.19 -17.00 5.43
C ASP B 3 17.82 -16.86 6.10
N ARG B 4 17.75 -17.21 7.36
CA ARG B 4 16.44 -17.13 8.10
C ARG B 4 16.09 -15.65 8.35
N PHE B 5 15.22 -15.39 9.31
CA PHE B 5 14.83 -13.96 9.61
C PHE B 5 15.04 -13.67 11.10
N VAL B 6 15.72 -14.54 11.78
CA VAL B 6 15.89 -14.36 13.25
C VAL B 6 16.41 -12.96 13.57
N TYR B 7 15.47 -12.05 13.71
CA TYR B 7 15.81 -10.65 14.03
C TYR B 7 14.59 -9.92 14.59
N THR B 8 14.73 -8.64 14.83
CA THR B 8 13.58 -7.85 15.37
C THR B 8 13.50 -6.47 14.71
N CYS B 9 12.37 -5.83 14.89
CA CYS B 9 12.14 -4.48 14.30
C CYS B 9 11.89 -3.46 15.41
N ASN B 10 12.68 -2.41 15.38
CA ASN B 10 12.61 -1.36 16.43
C ASN B 10 11.57 -0.31 16.11
N GLU B 11 10.85 -0.48 15.06
CA GLU B 11 9.81 0.53 14.71
C GLU B 11 8.47 0.17 15.38
N CYS B 12 8.15 -1.10 15.48
CA CYS B 12 6.87 -1.52 16.14
C CYS B 12 7.13 -2.61 17.18
N LYS B 13 8.35 -3.09 17.22
CA LYS B 13 8.72 -4.17 18.21
C LYS B 13 7.91 -5.44 17.92
N HIS B 14 7.79 -5.77 16.67
CA HIS B 14 7.03 -7.02 16.31
C HIS B 14 7.72 -7.74 15.14
N HIS B 15 8.79 -8.45 15.39
CA HIS B 15 9.49 -9.09 14.26
C HIS B 15 8.52 -9.95 13.49
N VAL B 16 8.78 -10.06 12.22
CA VAL B 16 7.88 -10.88 11.35
C VAL B 16 8.72 -11.63 10.32
N GLU B 17 8.54 -12.94 10.28
CA GLU B 17 9.27 -13.86 9.32
C GLU B 17 10.02 -13.10 8.20
N THR B 18 10.80 -12.11 8.56
CA THR B 18 11.55 -11.32 7.53
C THR B 18 12.25 -10.14 8.23
N ARG B 19 13.43 -9.75 7.77
CA ARG B 19 14.07 -8.54 8.39
C ARG B 19 15.02 -7.89 7.40
N TRP B 20 14.81 -6.62 7.16
CA TRP B 20 15.69 -5.87 6.21
C TRP B 20 16.48 -4.82 7.01
N HIS B 21 17.78 -4.83 6.81
CA HIS B 21 18.66 -3.87 7.55
C HIS B 21 19.18 -2.82 6.58
N CYS B 22 18.70 -1.60 6.74
CA CYS B 22 19.14 -0.48 5.85
C CYS B 22 20.57 -0.06 6.22
N THR B 23 21.45 0.04 5.24
CA THR B 23 22.85 0.43 5.57
C THR B 23 22.93 1.95 5.74
N VAL B 24 22.72 2.68 4.67
CA VAL B 24 22.86 4.17 4.73
C VAL B 24 22.49 4.72 6.12
N CYS B 25 21.37 4.29 6.65
CA CYS B 25 20.92 4.82 7.98
C CYS B 25 21.61 4.07 9.12
N GLU B 26 22.13 2.91 8.81
CA GLU B 26 22.88 2.08 9.82
C GLU B 26 22.06 1.88 11.11
N ASP B 27 22.30 0.76 11.74
CA ASP B 27 21.58 0.45 13.02
C ASP B 27 20.10 0.69 12.83
N TYR B 28 19.66 0.57 11.61
CA TYR B 28 18.22 0.78 11.33
C TYR B 28 17.64 -0.55 10.86
N ASP B 29 16.65 -1.03 11.56
CA ASP B 29 16.04 -2.35 11.16
C ASP B 29 14.54 -2.19 10.92
N LEU B 30 14.06 -2.82 9.88
CA LEU B 30 12.61 -2.68 9.51
C LEU B 30 11.97 -4.07 9.26
N CYS B 31 10.69 -4.18 9.58
CA CYS B 31 9.94 -5.47 9.34
C CYS B 31 9.08 -5.32 8.08
N ILE B 32 8.31 -6.33 7.77
CA ILE B 32 7.44 -6.30 6.55
C ILE B 32 6.34 -5.24 6.70
N ASN B 33 5.97 -4.95 7.92
CA ASN B 33 4.91 -3.92 8.18
C ASN B 33 5.44 -2.50 8.02
N CYS B 34 6.43 -2.15 8.79
CA CYS B 34 6.96 -0.75 8.74
C CYS B 34 7.49 -0.45 7.34
N TYR B 35 8.18 -1.40 6.78
CA TYR B 35 8.76 -1.24 5.41
C TYR B 35 7.67 -0.96 4.39
N ASN B 36 6.62 -1.73 4.43
CA ASN B 36 5.50 -1.53 3.46
C ASN B 36 4.79 -0.21 3.73
N THR B 37 4.57 0.10 4.98
CA THR B 37 3.85 1.35 5.34
C THR B 37 4.75 2.58 5.18
N LYS B 38 5.92 2.54 5.75
CA LYS B 38 6.85 3.71 5.65
C LYS B 38 7.35 3.87 4.22
N SER B 39 7.68 2.78 3.57
CA SER B 39 8.21 2.86 2.18
C SER B 39 9.68 3.27 2.21
N HIS B 40 10.42 2.65 3.09
CA HIS B 40 11.88 2.98 3.24
C HIS B 40 12.70 2.05 2.34
N ALA B 41 13.12 2.52 1.20
CA ALA B 41 13.91 1.62 0.30
C ALA B 41 15.35 1.49 0.81
N HIS B 42 16.27 2.27 0.24
CA HIS B 42 17.70 2.19 0.64
C HIS B 42 18.17 0.74 0.48
N LYS B 43 19.15 0.53 -0.36
CA LYS B 43 19.64 -0.87 -0.62
C LYS B 43 19.81 -1.63 0.69
N MET B 44 18.78 -2.36 1.05
CA MET B 44 18.83 -3.14 2.31
C MET B 44 19.39 -4.53 2.05
N VAL B 45 20.01 -5.09 3.05
CA VAL B 45 20.59 -6.46 2.91
C VAL B 45 19.85 -7.38 3.90
N LYS B 46 19.23 -8.41 3.38
CA LYS B 46 18.48 -9.36 4.26
C LYS B 46 19.50 -10.06 5.16
N TRP B 47 19.32 -9.93 6.45
CA TRP B 47 20.26 -10.60 7.40
C TRP B 47 19.48 -11.66 8.18
N GLY B 48 20.04 -12.82 8.26
CA GLY B 48 19.37 -13.92 9.00
C GLY B 48 20.45 -14.87 9.53
N LEU B 49 20.07 -15.77 10.39
CA LEU B 49 21.07 -16.71 10.95
C LEU B 49 20.37 -17.88 11.65
N GLY B 50 19.15 -18.22 11.23
CA GLY B 50 18.40 -19.34 11.89
C GLY B 50 18.16 -20.51 10.93
N LEU B 51 17.05 -21.18 11.13
CA LEU B 51 16.71 -22.36 10.28
C LEU B 51 15.57 -21.98 9.34
N ASP B 52 15.77 -22.13 8.06
CA ASP B 52 14.70 -21.77 7.08
C ASP B 52 13.83 -22.98 6.80
N ASP B 53 12.60 -22.91 7.28
CA ASP B 53 11.66 -24.04 7.05
C ASP B 53 10.45 -23.86 7.97
ZN ZN C . 7.96 -2.96 12.38
ZN ZN D . 17.61 4.11 5.07
#